data_8A53
#
_entry.id   8A53
#
_cell.length_a   81.231
_cell.length_b   88.143
_cell.length_c   82.475
_cell.angle_alpha   90.000
_cell.angle_beta   102.260
_cell.angle_gamma   90.000
#
_symmetry.space_group_name_H-M   'P 1 21 1'
#
loop_
_entity.id
_entity.type
_entity.pdbx_description
1 polymer Metacaspase-9
2 non-polymer 'NITRATE ION'
3 water water
#
_entity_poly.entity_id   1
_entity_poly.type   'polypeptide(L)'
_entity_poly.pdbx_seq_one_letter_code
;MSYYHHHHHHLESTSLYKKAGSTMDQQRMVKKRLAVLVGCNYPNTRNELHGCINDVLAMKETILSRFGFKQDDIEVLTDE
PESKVKPTGANIKAALRRMVDKAQAGSGDILFFHYSGHGTRIPSVKSAHPFKQDEAIVPCDFNLITDVDFRELVNQLPKG
TSFTMISDSAHSGGLIDKEKEQIGPSSVSSNISPAIETTNKTITSRALPFKAVLDHLSSLTGITTSDIGTHLLELFGRDA
GLKFRLPAMDLMDLLETMTAREKHVDSGILMSGCQADETSADVGVGNGKAYGAYSNAIQRVLNENEGAMKNKQLVMMARD
VLERLGFHQHPCLYCSDQNADATFLSQP
;
_entity_poly.pdbx_strand_id   A,B,C,D
#
loop_
_chem_comp.id
_chem_comp.type
_chem_comp.name
_chem_comp.formula
NO3 non-polymer 'NITRATE ION' 'N O3 -1'
#
# COMPACT_ATOMS: atom_id res chain seq x y z
N VAL A 30 -2.53 -26.33 18.74
CA VAL A 30 -2.76 -27.27 17.67
C VAL A 30 -2.40 -26.60 16.35
N LYS A 31 -1.28 -27.04 15.79
CA LYS A 31 -0.71 -26.51 14.56
C LYS A 31 -0.93 -27.49 13.44
N LYS A 32 -1.27 -26.98 12.26
CA LYS A 32 -1.54 -27.83 11.11
C LYS A 32 -0.28 -27.97 10.27
N ARG A 33 -0.07 -29.18 9.76
CA ARG A 33 1.00 -29.49 8.81
C ARG A 33 0.35 -30.09 7.58
N LEU A 34 0.26 -29.31 6.51
CA LEU A 34 -0.47 -29.70 5.31
C LEU A 34 0.49 -29.75 4.13
N ALA A 35 0.28 -30.70 3.23
CA ALA A 35 1.17 -30.83 2.10
C ALA A 35 0.39 -31.15 0.83
N VAL A 36 0.90 -30.61 -0.28
CA VAL A 36 0.49 -30.98 -1.63
C VAL A 36 1.76 -31.37 -2.38
N LEU A 37 1.80 -32.58 -2.91
CA LEU A 37 2.97 -33.12 -3.61
C LEU A 37 2.58 -33.45 -5.04
N VAL A 38 3.24 -32.84 -6.01
CA VAL A 38 2.90 -32.97 -7.41
C VAL A 38 4.10 -33.51 -8.17
N GLY A 39 3.87 -34.57 -8.95
CA GLY A 39 4.91 -35.09 -9.83
C GLY A 39 4.35 -35.39 -11.21
N CYS A 40 4.98 -34.87 -12.25
CA CYS A 40 4.57 -35.08 -13.63
C CYS A 40 5.71 -35.78 -14.38
N ASN A 41 5.47 -37.03 -14.78
CA ASN A 41 6.39 -37.74 -15.66
C ASN A 41 5.97 -37.65 -17.13
N TYR A 42 4.74 -37.16 -17.41
CA TYR A 42 4.19 -37.10 -18.75
C TYR A 42 4.46 -38.42 -19.48
N PRO A 43 4.11 -39.56 -18.88
CA PRO A 43 4.56 -40.84 -19.43
C PRO A 43 3.93 -41.15 -20.77
N ASN A 44 4.70 -41.88 -21.60
CA ASN A 44 4.26 -42.29 -22.93
C ASN A 44 3.86 -41.09 -23.80
N THR A 45 4.56 -39.97 -23.62
CA THR A 45 4.40 -38.79 -24.45
C THR A 45 5.77 -38.38 -24.98
N ARG A 46 5.79 -37.34 -25.82
CA ARG A 46 7.04 -36.82 -26.36
C ARG A 46 7.83 -36.00 -25.34
N ASN A 47 7.27 -35.72 -24.17
CA ASN A 47 7.93 -34.90 -23.16
C ASN A 47 8.14 -35.69 -21.87
N GLU A 48 8.40 -36.99 -22.01
CA GLU A 48 8.44 -37.87 -20.84
C GLU A 48 9.63 -37.56 -19.95
N LEU A 49 9.39 -37.58 -18.64
CA LEU A 49 10.43 -37.55 -17.62
C LEU A 49 10.33 -38.86 -16.84
N HIS A 50 11.36 -39.16 -16.04
CA HIS A 50 11.38 -40.44 -15.33
C HIS A 50 11.52 -40.35 -13.82
N GLY A 51 11.98 -39.23 -13.29
CA GLY A 51 12.27 -39.18 -11.86
C GLY A 51 11.28 -38.42 -11.00
N CYS A 52 10.25 -37.82 -11.60
CA CYS A 52 9.42 -36.86 -10.86
C CYS A 52 8.52 -37.54 -9.83
N ILE A 53 7.94 -38.68 -10.17
CA ILE A 53 7.09 -39.38 -9.21
C ILE A 53 7.94 -39.97 -8.08
N ASN A 54 9.16 -40.43 -8.39
CA ASN A 54 10.04 -40.90 -7.34
C ASN A 54 10.38 -39.77 -6.36
N ASP A 55 10.55 -38.55 -6.87
CA ASP A 55 10.77 -37.40 -5.99
C ASP A 55 9.61 -37.22 -5.02
N VAL A 56 8.38 -37.33 -5.51
CA VAL A 56 7.20 -37.18 -4.67
C VAL A 56 7.17 -38.23 -3.58
N LEU A 57 7.42 -39.49 -3.96
CA LEU A 57 7.35 -40.59 -3.00
C LEU A 57 8.42 -40.44 -1.93
N ALA A 58 9.64 -40.03 -2.32
CA ALA A 58 10.70 -39.86 -1.36
C ALA A 58 10.40 -38.71 -0.40
N MET A 59 9.92 -37.57 -0.93
CA MET A 59 9.61 -36.45 -0.04
C MET A 59 8.41 -36.78 0.85
N LYS A 60 7.45 -37.55 0.35
CA LYS A 60 6.33 -37.95 1.19
C LYS A 60 6.82 -38.73 2.40
N GLU A 61 7.74 -39.68 2.18
CA GLU A 61 8.29 -40.45 3.29
C GLU A 61 9.05 -39.55 4.26
N THR A 62 9.73 -38.53 3.73
CA THR A 62 10.49 -37.63 4.61
C THR A 62 9.56 -36.83 5.52
N ILE A 63 8.52 -36.22 4.97
CA ILE A 63 7.68 -35.35 5.81
C ILE A 63 6.86 -36.19 6.78
N LEU A 64 6.55 -37.44 6.42
CA LEU A 64 5.85 -38.32 7.35
C LEU A 64 6.73 -38.69 8.54
N SER A 65 8.00 -38.99 8.30
CA SER A 65 8.86 -39.50 9.37
C SER A 65 9.57 -38.39 10.13
N ARG A 66 10.14 -37.42 9.41
CA ARG A 66 11.00 -36.45 10.06
C ARG A 66 10.25 -35.21 10.51
N PHE A 67 9.25 -34.79 9.75
CA PHE A 67 8.62 -33.49 9.98
C PHE A 67 7.21 -33.58 10.55
N GLY A 68 6.76 -34.78 10.94
CA GLY A 68 5.52 -34.91 11.68
C GLY A 68 4.24 -34.73 10.90
N PHE A 69 4.29 -34.79 9.57
CA PHE A 69 3.07 -34.70 8.77
C PHE A 69 2.27 -35.99 8.87
N LYS A 70 0.95 -35.87 8.79
CA LYS A 70 0.06 -37.02 8.84
C LYS A 70 -0.49 -37.35 7.47
N GLN A 71 -0.79 -38.64 7.27
CA GLN A 71 -1.17 -39.15 5.95
C GLN A 71 -2.36 -38.41 5.36
N ASP A 72 -3.39 -38.16 6.17
CA ASP A 72 -4.60 -37.53 5.69
C ASP A 72 -4.45 -36.02 5.46
N ASP A 73 -3.32 -35.45 5.81
CA ASP A 73 -3.04 -34.04 5.53
C ASP A 73 -2.12 -33.87 4.32
N ILE A 74 -1.94 -34.91 3.52
CA ILE A 74 -1.05 -34.89 2.34
C ILE A 74 -1.89 -35.25 1.12
N GLU A 75 -1.93 -34.35 0.14
CA GLU A 75 -2.55 -34.63 -1.15
C GLU A 75 -1.45 -34.91 -2.17
N VAL A 76 -1.56 -36.05 -2.86
CA VAL A 76 -0.58 -36.44 -3.87
C VAL A 76 -1.27 -36.40 -5.23
N LEU A 77 -0.65 -35.71 -6.18
CA LEU A 77 -1.16 -35.62 -7.55
C LEU A 77 -0.03 -36.04 -8.48
N THR A 78 -0.13 -37.24 -9.05
CA THR A 78 0.88 -37.74 -9.99
C THR A 78 0.16 -38.28 -11.21
N ASP A 79 0.89 -38.34 -12.33
CA ASP A 79 0.26 -38.66 -13.61
C ASP A 79 0.64 -40.05 -14.13
N GLU A 80 0.94 -40.99 -13.24
CA GLU A 80 1.05 -42.37 -13.68
C GLU A 80 -0.31 -42.84 -14.21
N PRO A 81 -0.31 -43.69 -15.24
CA PRO A 81 -1.57 -43.98 -15.96
C PRO A 81 -2.72 -44.42 -15.07
N GLU A 82 -2.43 -45.11 -13.97
CA GLU A 82 -3.46 -45.65 -13.09
C GLU A 82 -3.87 -44.67 -11.99
N SER A 83 -3.35 -43.44 -12.01
CA SER A 83 -3.62 -42.49 -10.95
C SER A 83 -5.08 -42.08 -10.91
N LYS A 84 -5.58 -41.82 -9.70
CA LYS A 84 -6.97 -41.41 -9.48
C LYS A 84 -7.17 -39.91 -9.61
N VAL A 85 -6.16 -39.11 -9.26
CA VAL A 85 -6.23 -37.66 -9.37
C VAL A 85 -4.99 -37.20 -10.14
N LYS A 86 -5.20 -36.75 -11.39
CA LYS A 86 -4.15 -36.30 -12.27
C LYS A 86 -3.74 -34.85 -11.96
N PRO A 87 -2.46 -34.52 -12.11
CA PRO A 87 -1.99 -33.16 -11.84
C PRO A 87 -2.29 -32.20 -12.99
N THR A 88 -3.58 -32.02 -13.28
CA THR A 88 -3.99 -30.97 -14.19
C THR A 88 -3.81 -29.61 -13.53
N GLY A 89 -3.78 -28.56 -14.35
CA GLY A 89 -3.66 -27.23 -13.79
C GLY A 89 -4.75 -26.91 -12.78
N ALA A 90 -5.99 -27.29 -13.11
CA ALA A 90 -7.10 -27.02 -12.19
C ALA A 90 -6.97 -27.83 -10.90
N ASN A 91 -6.56 -29.10 -10.99
CA ASN A 91 -6.47 -29.92 -9.78
C ASN A 91 -5.35 -29.43 -8.86
N ILE A 92 -4.22 -29.02 -9.43
CA ILE A 92 -3.13 -28.48 -8.62
C ILE A 92 -3.56 -27.20 -7.92
N LYS A 93 -4.13 -26.26 -8.68
CA LYS A 93 -4.53 -24.99 -8.08
C LYS A 93 -5.62 -25.18 -7.03
N ALA A 94 -6.50 -26.16 -7.24
CA ALA A 94 -7.54 -26.41 -6.25
C ALA A 94 -6.95 -26.97 -4.97
N ALA A 95 -6.01 -27.91 -5.07
CA ALA A 95 -5.37 -28.44 -3.86
C ALA A 95 -4.60 -27.36 -3.12
N LEU A 96 -3.91 -26.49 -3.86
CA LEU A 96 -3.17 -25.40 -3.19
C LEU A 96 -4.11 -24.39 -2.57
N ARG A 97 -5.22 -24.08 -3.24
CA ARG A 97 -6.16 -23.12 -2.70
C ARG A 97 -6.80 -23.65 -1.41
N ARG A 98 -7.14 -24.94 -1.36
CA ARG A 98 -7.71 -25.51 -0.15
C ARG A 98 -6.74 -25.43 1.02
N MET A 99 -5.44 -25.65 0.78
CA MET A 99 -4.44 -25.56 1.83
C MET A 99 -4.32 -24.15 2.37
N VAL A 100 -4.10 -23.18 1.48
CA VAL A 100 -3.82 -21.82 1.89
C VAL A 100 -5.01 -21.18 2.59
N ASP A 101 -6.22 -21.57 2.20
CA ASP A 101 -7.38 -21.04 2.89
C ASP A 101 -7.54 -21.61 4.30
N LYS A 102 -6.90 -22.74 4.62
CA LYS A 102 -7.03 -23.35 5.95
C LYS A 102 -6.04 -22.78 6.94
N ALA A 103 -4.99 -22.12 6.47
CA ALA A 103 -4.04 -21.50 7.39
C ALA A 103 -4.74 -20.41 8.18
N GLN A 104 -4.47 -20.34 9.47
CA GLN A 104 -5.13 -19.41 10.36
C GLN A 104 -4.12 -18.44 10.94
N ALA A 105 -4.53 -17.19 11.11
CA ALA A 105 -3.64 -16.18 11.65
C ALA A 105 -3.15 -16.56 13.05
N GLY A 106 -1.87 -16.29 13.30
CA GLY A 106 -1.28 -16.57 14.60
C GLY A 106 -1.13 -18.03 14.96
N SER A 107 -1.48 -18.94 14.05
CA SER A 107 -1.45 -20.37 14.34
C SER A 107 -0.06 -20.97 14.14
N GLY A 108 0.74 -20.37 13.27
CA GLY A 108 2.00 -20.99 12.90
C GLY A 108 1.85 -22.20 12.01
N ASP A 109 0.71 -22.32 11.30
CA ASP A 109 0.47 -23.47 10.46
C ASP A 109 1.56 -23.61 9.41
N ILE A 110 1.89 -24.86 9.09
CA ILE A 110 2.99 -25.18 8.18
C ILE A 110 2.41 -25.78 6.91
N LEU A 111 2.54 -25.09 5.79
CA LEU A 111 2.07 -25.57 4.49
C LEU A 111 3.26 -25.88 3.58
N PHE A 112 3.17 -26.98 2.85
CA PHE A 112 4.28 -27.47 2.04
C PHE A 112 3.78 -27.88 0.66
N PHE A 113 4.50 -27.46 -0.37
CA PHE A 113 4.19 -27.78 -1.77
C PHE A 113 5.45 -28.25 -2.45
N HIS A 114 5.44 -29.50 -2.93
CA HIS A 114 6.52 -30.01 -3.76
C HIS A 114 6.03 -30.20 -5.20
N TYR A 115 6.81 -29.71 -6.16
CA TYR A 115 6.56 -29.95 -7.57
C TYR A 115 7.81 -30.52 -8.21
N SER A 116 7.67 -31.65 -8.89
CA SER A 116 8.67 -32.16 -9.83
C SER A 116 7.99 -32.33 -11.18
N GLY A 117 8.55 -31.69 -12.21
CA GLY A 117 8.00 -31.79 -13.54
C GLY A 117 8.66 -30.77 -14.43
N HIS A 118 8.07 -30.54 -15.59
CA HIS A 118 8.63 -29.60 -16.52
C HIS A 118 8.36 -28.16 -16.10
N GLY A 119 9.31 -27.30 -16.42
CA GLY A 119 9.12 -25.86 -16.27
C GLY A 119 9.29 -25.18 -17.61
N THR A 120 8.78 -23.96 -17.74
CA THR A 120 8.95 -23.22 -18.97
C THR A 120 9.03 -21.74 -18.63
N ARG A 121 9.51 -20.97 -19.58
CA ARG A 121 9.62 -19.54 -19.43
C ARG A 121 8.87 -18.88 -20.57
N ILE A 122 8.10 -17.85 -20.25
CA ILE A 122 7.28 -17.15 -21.23
C ILE A 122 8.02 -15.87 -21.58
N PRO A 123 8.37 -15.65 -22.84
CA PRO A 123 9.14 -14.45 -23.21
C PRO A 123 8.31 -13.17 -23.03
N SER A 124 8.98 -12.15 -22.52
CA SER A 124 8.45 -10.80 -22.35
C SER A 124 6.97 -10.73 -21.95
N GLN A 133 10.87 -11.59 -17.65
CA GLN A 133 10.15 -12.74 -18.19
C GLN A 133 9.42 -13.46 -17.06
N ASP A 134 8.40 -14.24 -17.41
CA ASP A 134 7.61 -14.98 -16.44
C ASP A 134 7.93 -16.46 -16.46
N GLU A 135 7.96 -17.06 -15.27
CA GLU A 135 8.22 -18.47 -15.07
C GLU A 135 6.92 -19.23 -14.84
N ALA A 136 6.91 -20.51 -15.22
CA ALA A 136 5.71 -21.32 -15.09
C ALA A 136 6.10 -22.76 -14.84
N ILE A 137 5.18 -23.50 -14.21
CA ILE A 137 5.27 -24.94 -14.19
C ILE A 137 4.28 -25.47 -15.21
N VAL A 138 4.51 -26.72 -15.65
CA VAL A 138 3.71 -27.30 -16.73
C VAL A 138 2.91 -28.48 -16.18
N PRO A 139 1.65 -28.29 -15.81
CA PRO A 139 0.82 -29.42 -15.43
C PRO A 139 0.65 -30.39 -16.59
N CYS A 140 0.16 -31.59 -16.28
CA CYS A 140 0.10 -32.65 -17.28
C CYS A 140 -0.84 -32.31 -18.44
N ASP A 141 -1.77 -31.38 -18.25
CA ASP A 141 -2.62 -30.92 -19.34
C ASP A 141 -2.14 -29.60 -19.96
N PHE A 142 -0.95 -29.13 -19.58
CA PHE A 142 -0.35 -27.90 -20.10
C PHE A 142 -1.13 -26.64 -19.73
N ASN A 143 -1.99 -26.71 -18.72
CA ASN A 143 -2.67 -25.51 -18.23
C ASN A 143 -1.69 -24.78 -17.31
N LEU A 144 -0.84 -23.94 -17.92
CA LEU A 144 0.29 -23.38 -17.20
C LEU A 144 -0.12 -22.61 -15.95
N ILE A 145 0.66 -22.80 -14.89
CA ILE A 145 0.54 -22.02 -13.65
C ILE A 145 1.81 -21.19 -13.55
N THR A 146 1.65 -19.87 -13.49
CA THR A 146 2.79 -18.96 -13.61
C THR A 146 3.10 -18.29 -12.27
N ASP A 147 4.15 -17.46 -12.28
CA ASP A 147 4.62 -16.86 -11.04
C ASP A 147 3.58 -15.92 -10.43
N VAL A 148 2.69 -15.35 -11.24
CA VAL A 148 1.66 -14.49 -10.70
C VAL A 148 0.59 -15.30 -9.99
N ASP A 149 0.31 -16.52 -10.46
CA ASP A 149 -0.62 -17.42 -9.79
C ASP A 149 -0.11 -17.81 -8.42
N PHE A 150 1.19 -18.09 -8.30
CA PHE A 150 1.73 -18.46 -7.00
C PHE A 150 1.79 -17.26 -6.06
N ARG A 151 2.03 -16.05 -6.61
CA ARG A 151 1.96 -14.85 -5.77
C ARG A 151 0.54 -14.63 -5.24
N GLU A 152 -0.47 -14.81 -6.08
CA GLU A 152 -1.84 -14.67 -5.59
C GLU A 152 -2.14 -15.71 -4.52
N LEU A 153 -1.58 -16.92 -4.67
CA LEU A 153 -1.83 -17.98 -3.70
C LEU A 153 -1.22 -17.64 -2.34
N VAL A 154 0.06 -17.28 -2.29
CA VAL A 154 0.69 -16.99 -1.00
C VAL A 154 0.15 -15.71 -0.39
N ASN A 155 -0.43 -14.82 -1.19
CA ASN A 155 -1.02 -13.61 -0.63
C ASN A 155 -2.31 -13.89 0.12
N GLN A 156 -2.82 -15.12 0.08
CA GLN A 156 -3.96 -15.53 0.91
C GLN A 156 -3.57 -15.89 2.33
N LEU A 157 -2.29 -16.00 2.61
CA LEU A 157 -1.79 -16.49 3.90
C LEU A 157 -1.72 -15.38 4.93
N PRO A 158 -2.13 -15.65 6.16
CA PRO A 158 -1.97 -14.67 7.24
C PRO A 158 -0.55 -14.70 7.80
N LYS A 159 -0.23 -13.65 8.54
CA LYS A 159 1.05 -13.58 9.22
C LYS A 159 1.19 -14.71 10.22
N GLY A 160 2.42 -15.19 10.40
CA GLY A 160 2.71 -16.28 11.32
C GLY A 160 2.73 -17.65 10.70
N THR A 161 2.12 -17.84 9.55
CA THR A 161 2.11 -19.13 8.86
C THR A 161 3.15 -19.12 7.75
N SER A 162 3.50 -20.31 7.28
CA SER A 162 4.52 -20.45 6.25
C SER A 162 4.04 -21.37 5.14
N PHE A 163 4.39 -20.98 3.92
CA PHE A 163 4.16 -21.78 2.70
C PHE A 163 5.52 -22.06 2.08
N THR A 164 5.99 -23.29 2.21
CA THR A 164 7.29 -23.70 1.67
C THR A 164 7.06 -24.44 0.37
N MET A 165 7.65 -23.94 -0.71
CA MET A 165 7.51 -24.52 -2.04
C MET A 165 8.87 -24.96 -2.54
N ILE A 166 9.01 -26.25 -2.86
CA ILE A 166 10.20 -26.80 -3.49
C ILE A 166 9.81 -27.17 -4.91
N SER A 167 10.41 -26.53 -5.90
CA SER A 167 10.03 -26.75 -7.29
C SER A 167 11.24 -27.27 -8.05
N ASP A 168 11.26 -28.60 -8.27
CA ASP A 168 12.34 -29.25 -8.99
C ASP A 168 11.94 -29.28 -10.47
N SER A 169 12.15 -28.14 -11.11
CA SER A 169 11.70 -27.92 -12.48
C SER A 169 12.58 -26.82 -13.08
N ALA A 170 12.63 -26.77 -14.40
CA ALA A 170 13.44 -25.74 -15.04
C ALA A 170 12.83 -24.36 -14.83
N HIS A 171 13.69 -23.35 -14.86
CA HIS A 171 13.28 -21.94 -14.76
C HIS A 171 12.46 -21.70 -13.50
N SER A 172 12.79 -22.41 -12.42
CA SER A 172 11.97 -22.35 -11.21
C SER A 172 12.32 -21.19 -10.30
N GLY A 173 13.51 -20.61 -10.44
CA GLY A 173 13.85 -19.40 -9.72
C GLY A 173 12.90 -18.26 -10.08
N GLY A 174 12.28 -17.65 -9.09
CA GLY A 174 11.32 -16.59 -9.35
C GLY A 174 9.88 -17.02 -9.47
N LEU A 175 9.56 -18.29 -9.19
CA LEU A 175 8.19 -18.77 -9.37
C LEU A 175 7.19 -18.09 -8.44
N ILE A 176 7.63 -17.43 -7.38
CA ILE A 176 6.76 -16.60 -6.56
C ILE A 176 7.07 -15.15 -6.88
N ASP A 177 6.23 -14.54 -7.71
CA ASP A 177 6.51 -13.20 -8.24
C ASP A 177 6.82 -12.22 -7.12
N LYS A 178 7.93 -11.49 -7.28
CA LYS A 178 8.40 -10.41 -6.42
C LYS A 178 8.87 -10.87 -5.04
N GLU A 179 8.91 -12.16 -4.77
CA GLU A 179 9.48 -12.63 -3.51
C GLU A 179 10.97 -12.35 -3.48
N LYS A 180 11.45 -11.75 -2.37
CA LYS A 180 12.84 -11.30 -2.28
C LYS A 180 13.82 -12.46 -2.45
N GLU A 181 14.82 -12.25 -3.30
CA GLU A 181 15.87 -13.25 -3.49
C GLU A 181 16.82 -13.24 -2.30
N GLN A 182 16.97 -14.39 -1.65
CA GLN A 182 17.89 -14.56 -0.53
C GLN A 182 19.17 -15.27 -0.94
N ILE A 183 19.06 -16.28 -1.79
CA ILE A 183 20.19 -16.97 -2.39
C ILE A 183 19.94 -17.04 -3.88
N GLY A 184 20.84 -16.49 -4.67
CA GLY A 184 20.70 -16.47 -6.11
C GLY A 184 21.75 -15.59 -6.74
N PRO A 185 21.61 -15.32 -8.04
CA PRO A 185 22.65 -14.57 -8.76
C PRO A 185 22.94 -13.20 -8.18
N SER A 186 21.95 -12.53 -7.60
CA SER A 186 22.14 -11.19 -7.09
C SER A 186 22.54 -11.15 -5.62
N SER A 187 22.67 -12.31 -4.98
CA SER A 187 23.01 -12.36 -3.56
C SER A 187 24.10 -13.38 -3.22
N VAL A 188 24.48 -14.24 -4.17
CA VAL A 188 25.58 -15.18 -3.95
C VAL A 188 26.45 -15.22 -5.20
N ILE A 196 35.84 -28.42 -11.90
CA ILE A 196 34.88 -29.48 -11.59
C ILE A 196 34.26 -30.03 -12.88
N GLU A 197 34.51 -31.31 -13.13
CA GLU A 197 34.02 -31.98 -14.34
C GLU A 197 32.52 -32.19 -14.27
N THR A 198 31.85 -32.03 -15.42
CA THR A 198 30.42 -32.28 -15.53
C THR A 198 30.09 -33.68 -15.03
N THR A 199 28.91 -33.82 -14.44
CA THR A 199 28.41 -35.12 -13.98
C THR A 199 28.50 -36.17 -15.09
N ASN A 200 28.81 -37.39 -14.69
CA ASN A 200 28.78 -38.53 -15.60
C ASN A 200 27.42 -39.19 -15.69
N LYS A 201 26.44 -38.75 -14.89
CA LYS A 201 25.12 -39.35 -14.89
C LYS A 201 24.39 -39.08 -16.20
N THR A 202 23.45 -39.97 -16.51
CA THR A 202 22.54 -39.76 -17.63
C THR A 202 21.46 -38.76 -17.19
N ILE A 203 21.33 -37.64 -17.90
CA ILE A 203 20.44 -36.56 -17.45
C ILE A 203 19.52 -36.10 -18.57
N THR A 204 18.34 -35.63 -18.17
CA THR A 204 17.32 -35.11 -19.08
C THR A 204 16.82 -33.78 -18.50
N SER A 205 16.73 -32.76 -19.35
CA SER A 205 16.30 -31.44 -18.91
C SER A 205 14.82 -31.42 -18.53
N ARG A 206 14.50 -30.77 -17.42
CA ARG A 206 13.09 -30.56 -17.03
C ARG A 206 12.55 -29.23 -17.53
N ALA A 207 12.97 -28.81 -18.72
CA ALA A 207 12.46 -27.62 -19.39
C ALA A 207 11.70 -28.02 -20.65
N LEU A 208 10.53 -27.42 -20.85
CA LEU A 208 9.86 -27.46 -22.14
C LEU A 208 9.99 -26.09 -22.78
N PRO A 209 10.56 -25.99 -23.98
CA PRO A 209 10.64 -24.68 -24.64
C PRO A 209 9.26 -24.09 -24.83
N PHE A 210 9.19 -22.76 -24.74
CA PHE A 210 7.92 -22.07 -24.94
C PHE A 210 7.28 -22.42 -26.27
N LYS A 211 8.09 -22.53 -27.34
CA LYS A 211 7.57 -22.87 -28.64
C LYS A 211 6.90 -24.25 -28.63
N ALA A 212 7.49 -25.19 -27.89
CA ALA A 212 6.89 -26.51 -27.76
C ALA A 212 5.54 -26.45 -27.05
N VAL A 213 5.44 -25.66 -25.98
CA VAL A 213 4.18 -25.52 -25.26
C VAL A 213 3.14 -24.84 -26.14
N LEU A 214 3.52 -23.74 -26.80
CA LEU A 214 2.60 -23.01 -27.66
C LEU A 214 2.09 -23.89 -28.81
N ASP A 215 2.98 -24.68 -29.41
CA ASP A 215 2.56 -25.55 -30.51
C ASP A 215 1.60 -26.63 -30.04
N HIS A 216 1.84 -27.19 -28.85
CA HIS A 216 0.94 -28.20 -28.31
C HIS A 216 -0.46 -27.64 -28.11
N LEU A 217 -0.56 -26.45 -27.52
CA LEU A 217 -1.86 -25.82 -27.29
C LEU A 217 -2.52 -25.42 -28.60
N SER A 218 -1.76 -24.84 -29.53
CA SER A 218 -2.32 -24.44 -30.81
C SER A 218 -2.85 -25.64 -31.59
N SER A 219 -2.28 -26.81 -31.36
CA SER A 219 -2.80 -28.04 -31.96
C SER A 219 -4.21 -28.34 -31.45
N LEU A 220 -4.52 -27.93 -30.23
CA LEU A 220 -5.83 -28.21 -29.63
C LEU A 220 -6.88 -27.18 -30.00
N THR A 221 -6.49 -25.93 -30.23
CA THR A 221 -7.45 -24.87 -30.51
C THR A 221 -7.65 -24.63 -32.00
N GLY A 222 -6.62 -24.80 -32.82
CA GLY A 222 -6.67 -24.43 -34.21
C GLY A 222 -6.46 -22.95 -34.49
N ILE A 223 -6.23 -22.14 -33.47
CA ILE A 223 -5.94 -20.72 -33.65
C ILE A 223 -4.47 -20.55 -34.00
N THR A 224 -4.17 -19.59 -34.88
CA THR A 224 -2.81 -19.40 -35.38
C THR A 224 -2.06 -18.26 -34.69
N THR A 225 -2.64 -17.67 -33.65
CA THR A 225 -1.96 -16.60 -32.93
C THR A 225 -0.79 -17.13 -32.13
N SER A 226 0.22 -16.27 -31.95
CA SER A 226 1.37 -16.55 -31.10
C SER A 226 1.14 -16.14 -29.65
N ASP A 227 -0.04 -15.62 -29.32
CA ASP A 227 -0.38 -15.23 -27.96
C ASP A 227 -0.84 -16.47 -27.19
N ILE A 228 0.01 -16.98 -26.29
CA ILE A 228 -0.32 -18.21 -25.58
C ILE A 228 -1.55 -18.02 -24.70
N GLY A 229 -1.79 -16.78 -24.23
CA GLY A 229 -2.96 -16.54 -23.40
C GLY A 229 -4.27 -16.83 -24.11
N THR A 230 -4.32 -16.53 -25.41
CA THR A 230 -5.54 -16.80 -26.18
C THR A 230 -5.87 -18.30 -26.18
N HIS A 231 -4.85 -19.14 -26.37
CA HIS A 231 -5.07 -20.58 -26.38
C HIS A 231 -5.53 -21.08 -25.02
N LEU A 232 -4.87 -20.64 -23.95
CA LEU A 232 -5.19 -21.15 -22.62
C LEU A 232 -6.58 -20.73 -22.17
N LEU A 233 -7.00 -19.49 -22.50
CA LEU A 233 -8.35 -19.06 -22.15
C LEU A 233 -9.40 -19.84 -22.91
N GLU A 234 -9.15 -20.15 -24.19
CA GLU A 234 -10.11 -20.93 -24.96
C GLU A 234 -10.23 -22.36 -24.42
N LEU A 235 -9.11 -22.95 -24.00
CA LEU A 235 -9.10 -24.35 -23.58
C LEU A 235 -9.57 -24.53 -22.14
N PHE A 236 -9.22 -23.61 -21.25
CA PHE A 236 -9.43 -23.82 -19.83
C PHE A 236 -10.32 -22.79 -19.16
N GLY A 237 -10.70 -21.71 -19.85
CA GLY A 237 -11.70 -20.80 -19.30
C GLY A 237 -11.27 -20.19 -17.98
N ARG A 238 -12.15 -20.27 -16.99
CA ARG A 238 -11.83 -19.71 -15.66
C ARG A 238 -10.72 -20.47 -14.97
N ASP A 239 -10.38 -21.68 -15.43
CA ASP A 239 -9.25 -22.40 -14.85
C ASP A 239 -7.90 -21.98 -15.43
N ALA A 240 -7.89 -21.11 -16.44
CA ALA A 240 -6.64 -20.62 -16.96
C ALA A 240 -5.96 -19.71 -15.94
N GLY A 241 -4.65 -19.51 -16.13
CA GLY A 241 -3.88 -18.69 -15.21
C GLY A 241 -4.33 -17.24 -15.23
N LEU A 242 -4.03 -16.57 -14.11
CA LEU A 242 -4.44 -15.16 -13.93
C LEU A 242 -3.94 -14.28 -15.05
N LYS A 243 -2.68 -14.48 -15.46
CA LYS A 243 -2.10 -13.65 -16.52
C LYS A 243 -2.90 -13.71 -17.81
N PHE A 244 -3.57 -14.84 -18.06
CA PHE A 244 -4.21 -15.06 -19.34
C PHE A 244 -5.70 -14.77 -19.37
N ARG A 245 -6.39 -14.81 -18.23
CA ARG A 245 -7.82 -14.53 -18.22
C ARG A 245 -8.14 -13.08 -17.86
N LEU A 246 -7.21 -12.34 -17.20
CA LEU A 246 -7.64 -11.00 -16.81
C LEU A 246 -7.36 -10.00 -17.93
N PRO A 247 -8.23 -9.01 -18.10
CA PRO A 247 -7.89 -7.88 -18.97
C PRO A 247 -6.64 -7.17 -18.46
N ALA A 248 -5.99 -6.44 -19.38
CA ALA A 248 -4.71 -5.82 -19.06
C ALA A 248 -4.82 -4.85 -17.91
N MET A 249 -5.89 -4.04 -17.89
CA MET A 249 -6.06 -3.05 -16.83
C MET A 249 -6.29 -3.72 -15.48
N ASP A 250 -7.08 -4.79 -15.45
CA ASP A 250 -7.36 -5.48 -14.19
C ASP A 250 -6.11 -6.19 -13.65
N LEU A 251 -5.28 -6.74 -14.54
CA LEU A 251 -4.05 -7.38 -14.09
C LEU A 251 -3.10 -6.36 -13.46
N MET A 252 -3.07 -5.14 -13.99
CA MET A 252 -2.22 -4.09 -13.43
C MET A 252 -2.63 -3.77 -12.00
N ASP A 253 -3.92 -3.55 -11.77
CA ASP A 253 -4.39 -3.25 -10.42
C ASP A 253 -4.12 -4.39 -9.46
N LEU A 254 -4.32 -5.64 -9.91
CA LEU A 254 -4.05 -6.79 -9.06
C LEU A 254 -2.57 -6.85 -8.69
N LEU A 255 -1.70 -6.53 -9.65
CA LEU A 255 -0.26 -6.52 -9.36
C LEU A 255 0.05 -5.47 -8.28
N GLU A 256 -0.56 -4.29 -8.38
CA GLU A 256 -0.37 -3.27 -7.36
C GLU A 256 -0.96 -3.72 -6.02
N THR A 257 -2.15 -4.34 -6.07
CA THR A 257 -2.77 -4.87 -4.85
C THR A 257 -1.88 -5.91 -4.18
N MET A 258 -1.34 -6.84 -4.97
CA MET A 258 -0.50 -7.88 -4.40
C MET A 258 0.81 -7.31 -3.88
N THR A 259 1.35 -6.31 -4.58
CA THR A 259 2.53 -5.61 -4.08
C THR A 259 2.25 -4.92 -2.75
N ALA A 260 1.05 -4.35 -2.62
CA ALA A 260 0.69 -3.66 -1.38
C ALA A 260 0.70 -4.61 -0.18
N ARG A 261 0.11 -5.80 -0.34
CA ARG A 261 0.01 -6.71 0.80
C ARG A 261 1.37 -7.22 1.23
N GLU A 262 2.32 -7.37 0.28
CA GLU A 262 3.63 -7.92 0.61
C GLU A 262 4.38 -7.07 1.63
N LYS A 263 4.04 -5.79 1.76
CA LYS A 263 4.64 -4.95 2.79
C LYS A 263 4.15 -5.29 4.20
N HIS A 264 3.06 -6.05 4.32
CA HIS A 264 2.48 -6.39 5.62
C HIS A 264 2.62 -7.86 6.00
N VAL A 265 2.48 -8.77 5.03
CA VAL A 265 2.58 -10.20 5.27
C VAL A 265 3.47 -10.78 4.18
N ASP A 266 4.42 -11.63 4.58
CA ASP A 266 5.33 -12.28 3.63
C ASP A 266 5.57 -13.69 4.15
N SER A 267 4.69 -14.61 3.76
CA SER A 267 4.67 -15.97 4.27
C SER A 267 5.21 -16.99 3.28
N GLY A 268 5.59 -16.56 2.08
CA GLY A 268 6.02 -17.48 1.04
C GLY A 268 7.51 -17.77 1.09
N ILE A 269 7.86 -19.03 0.86
CA ILE A 269 9.24 -19.50 0.87
C ILE A 269 9.40 -20.39 -0.35
N LEU A 270 10.20 -19.94 -1.32
CA LEU A 270 10.47 -20.71 -2.53
C LEU A 270 11.91 -21.23 -2.52
N MET A 271 12.04 -22.55 -2.62
CA MET A 271 13.34 -23.20 -2.86
C MET A 271 13.30 -23.79 -4.26
N SER A 272 13.93 -23.11 -5.20
CA SER A 272 13.90 -23.54 -6.59
C SER A 272 15.04 -24.49 -6.90
N GLY A 273 14.80 -25.37 -7.86
CA GLY A 273 15.85 -26.27 -8.31
C GLY A 273 16.96 -25.60 -9.09
N CYS A 274 16.70 -24.42 -9.66
CA CYS A 274 17.67 -23.74 -10.50
C CYS A 274 17.29 -22.27 -10.60
N GLN A 275 18.13 -21.51 -11.29
CA GLN A 275 17.87 -20.08 -11.52
C GLN A 275 16.74 -19.92 -12.55
N ALA A 276 16.27 -18.68 -12.67
CA ALA A 276 15.23 -18.38 -13.66
C ALA A 276 15.68 -18.73 -15.08
N ASP A 277 16.96 -18.59 -15.39
CA ASP A 277 17.48 -18.82 -16.73
C ASP A 277 18.13 -20.20 -16.90
N GLU A 278 17.87 -21.12 -15.98
CA GLU A 278 18.50 -22.44 -16.00
C GLU A 278 17.44 -23.51 -16.17
N THR A 279 17.90 -24.74 -16.36
CA THR A 279 17.06 -25.92 -16.27
C THR A 279 17.49 -26.75 -15.07
N SER A 280 16.64 -27.70 -14.68
CA SER A 280 16.88 -28.64 -13.59
C SER A 280 16.97 -30.03 -14.20
N ALA A 281 17.89 -30.85 -13.69
CA ALA A 281 18.20 -32.14 -14.31
C ALA A 281 17.35 -33.26 -13.73
N ASP A 282 16.78 -34.07 -14.61
CA ASP A 282 16.22 -35.37 -14.28
C ASP A 282 17.34 -36.39 -14.44
N VAL A 283 17.63 -37.18 -13.41
CA VAL A 283 18.80 -38.06 -13.38
C VAL A 283 18.40 -39.51 -13.57
N GLY A 284 19.03 -40.20 -14.53
CA GLY A 284 18.84 -41.62 -14.70
C GLY A 284 20.04 -42.37 -14.14
N VAL A 285 19.83 -43.15 -13.09
CA VAL A 285 20.96 -43.78 -12.41
C VAL A 285 21.57 -44.88 -13.27
N GLY A 286 20.75 -45.60 -14.02
CA GLY A 286 21.21 -46.73 -14.82
C GLY A 286 20.62 -48.05 -14.40
N ASN A 287 19.77 -48.09 -13.38
CA ASN A 287 19.11 -49.31 -12.94
C ASN A 287 17.59 -49.19 -12.90
N GLY A 288 17.04 -48.02 -13.25
CA GLY A 288 15.62 -47.81 -13.24
C GLY A 288 15.09 -47.01 -12.07
N LYS A 289 15.95 -46.35 -11.30
CA LYS A 289 15.55 -45.56 -10.14
C LYS A 289 15.92 -44.10 -10.39
N ALA A 290 15.17 -43.44 -11.27
CA ALA A 290 15.44 -42.05 -11.61
C ALA A 290 14.99 -41.11 -10.51
N TYR A 291 15.57 -39.91 -10.51
CA TYR A 291 15.22 -38.89 -9.54
C TYR A 291 15.62 -37.52 -10.09
N GLY A 292 15.01 -36.48 -9.54
CA GLY A 292 15.47 -35.13 -9.82
C GLY A 292 16.76 -34.85 -9.07
N ALA A 293 17.73 -34.25 -9.76
CA ALA A 293 19.01 -33.96 -9.13
C ALA A 293 18.83 -33.10 -7.88
N TYR A 294 17.97 -32.09 -7.96
CA TYR A 294 17.78 -31.19 -6.81
C TYR A 294 17.02 -31.88 -5.68
N SER A 295 15.92 -32.56 -6.01
CA SER A 295 15.17 -33.28 -4.96
C SER A 295 16.06 -34.30 -4.26
N ASN A 296 16.93 -34.97 -5.02
CA ASN A 296 17.83 -35.95 -4.42
C ASN A 296 18.91 -35.27 -3.58
N ALA A 297 19.38 -34.09 -4.02
CA ALA A 297 20.34 -33.34 -3.22
C ALA A 297 19.73 -32.94 -1.88
N ILE A 298 18.46 -32.54 -1.89
CA ILE A 298 17.76 -32.25 -0.63
C ILE A 298 17.74 -33.48 0.26
N GLN A 299 17.40 -34.65 -0.30
CA GLN A 299 17.43 -35.88 0.46
C GLN A 299 18.81 -36.15 1.05
N ARG A 300 19.86 -35.93 0.27
CA ARG A 300 21.22 -36.17 0.77
C ARG A 300 21.57 -35.22 1.91
N VAL A 301 21.20 -33.94 1.79
CA VAL A 301 21.47 -32.98 2.86
C VAL A 301 20.73 -33.40 4.13
N LEU A 302 19.45 -33.75 3.99
CA LEU A 302 18.66 -34.17 5.14
C LEU A 302 19.23 -35.44 5.77
N ASN A 303 19.72 -36.38 4.95
CA ASN A 303 20.29 -37.60 5.50
C ASN A 303 21.56 -37.34 6.30
N GLU A 304 22.35 -36.35 5.89
CA GLU A 304 23.60 -36.05 6.58
C GLU A 304 23.42 -35.12 7.77
N ASN A 305 22.29 -34.43 7.88
CA ASN A 305 22.07 -33.41 8.90
C ASN A 305 20.70 -33.63 9.53
N GLU A 306 20.66 -34.41 10.62
CA GLU A 306 19.40 -34.70 11.28
C GLU A 306 18.86 -33.54 12.09
N GLY A 307 19.71 -32.61 12.51
CA GLY A 307 19.24 -31.49 13.29
C GLY A 307 18.44 -30.51 12.46
N ALA A 308 17.78 -29.59 13.15
CA ALA A 308 17.03 -28.57 12.46
C ALA A 308 17.98 -27.65 11.70
N MET A 309 17.56 -27.28 10.48
CA MET A 309 18.35 -26.43 9.61
C MET A 309 17.53 -25.21 9.24
N LYS A 310 18.20 -24.06 9.17
CA LYS A 310 17.57 -22.88 8.62
C LYS A 310 17.28 -23.09 7.13
N ASN A 311 16.25 -22.38 6.65
CA ASN A 311 15.93 -22.47 5.22
C ASN A 311 17.15 -22.13 4.37
N LYS A 312 17.91 -21.09 4.74
CA LYS A 312 19.06 -20.74 3.92
C LYS A 312 20.15 -21.81 3.98
N GLN A 313 20.31 -22.48 5.11
CA GLN A 313 21.31 -23.54 5.24
C GLN A 313 20.97 -24.73 4.34
N LEU A 314 19.72 -25.15 4.32
CA LEU A 314 19.33 -26.27 3.46
C LEU A 314 19.63 -25.96 1.99
N VAL A 315 19.28 -24.77 1.53
CA VAL A 315 19.52 -24.40 0.14
C VAL A 315 21.03 -24.28 -0.13
N MET A 316 21.76 -23.63 0.77
N MET A 316 21.78 -23.66 0.78
CA MET A 316 23.22 -23.51 0.62
CA MET A 316 23.22 -23.51 0.57
C MET A 316 23.87 -24.88 0.48
C MET A 316 23.91 -24.87 0.50
N MET A 317 23.47 -25.81 1.33
CA MET A 317 24.08 -27.14 1.33
C MET A 317 23.64 -27.95 0.12
N ALA A 318 22.41 -27.76 -0.33
CA ALA A 318 21.97 -28.41 -1.56
C ALA A 318 22.76 -27.91 -2.76
N ARG A 319 23.05 -26.60 -2.81
CA ARG A 319 23.91 -26.06 -3.85
C ARG A 319 25.29 -26.69 -3.82
N ASP A 320 25.86 -26.86 -2.62
CA ASP A 320 27.20 -27.45 -2.50
C ASP A 320 27.20 -28.90 -2.97
N VAL A 321 26.13 -29.64 -2.65
CA VAL A 321 26.03 -31.03 -3.10
C VAL A 321 26.02 -31.09 -4.62
N LEU A 322 25.16 -30.28 -5.25
CA LEU A 322 25.06 -30.31 -6.71
C LEU A 322 26.36 -29.85 -7.38
N GLU A 323 26.99 -28.81 -6.84
CA GLU A 323 28.25 -28.34 -7.40
C GLU A 323 29.31 -29.43 -7.29
N ARG A 324 29.41 -30.08 -6.14
CA ARG A 324 30.37 -31.16 -5.95
C ARG A 324 30.12 -32.30 -6.93
N LEU A 325 28.86 -32.60 -7.22
CA LEU A 325 28.51 -33.71 -8.08
C LEU A 325 28.53 -33.35 -9.56
N GLY A 326 28.89 -32.11 -9.91
CA GLY A 326 29.08 -31.76 -11.30
C GLY A 326 27.82 -31.34 -12.03
N PHE A 327 26.76 -31.01 -11.31
CA PHE A 327 25.56 -30.48 -11.95
C PHE A 327 25.72 -28.97 -12.12
N HIS A 328 25.13 -28.45 -13.19
CA HIS A 328 25.34 -27.04 -13.50
C HIS A 328 24.28 -26.12 -12.90
N GLN A 329 23.16 -26.66 -12.45
CA GLN A 329 22.08 -25.82 -11.93
C GLN A 329 22.40 -25.28 -10.55
N HIS A 330 21.86 -24.10 -10.24
CA HIS A 330 22.11 -23.45 -8.96
C HIS A 330 20.79 -23.22 -8.25
N PRO A 331 20.44 -24.02 -7.24
CA PRO A 331 19.20 -23.77 -6.50
C PRO A 331 19.22 -22.40 -5.84
N CYS A 332 18.04 -21.78 -5.77
CA CYS A 332 17.86 -20.44 -5.24
C CYS A 332 16.80 -20.44 -4.14
N LEU A 333 16.85 -19.41 -3.31
CA LEU A 333 15.92 -19.23 -2.20
C LEU A 333 15.30 -17.84 -2.28
N TYR A 334 13.97 -17.79 -2.18
CA TYR A 334 13.22 -16.53 -2.18
C TYR A 334 12.29 -16.54 -0.98
N CYS A 335 12.47 -15.57 -0.08
CA CYS A 335 11.64 -15.43 1.10
C CYS A 335 12.02 -14.16 1.84
N SER A 336 11.33 -13.86 2.94
CA SER A 336 11.70 -12.71 3.75
C SER A 336 12.99 -12.98 4.49
N ASP A 337 13.65 -11.90 4.94
CA ASP A 337 14.85 -12.05 5.75
C ASP A 337 14.59 -12.93 6.96
N GLN A 338 13.43 -12.76 7.59
CA GLN A 338 13.10 -13.54 8.78
C GLN A 338 12.95 -15.02 8.44
N ASN A 339 12.26 -15.33 7.33
CA ASN A 339 12.07 -16.74 6.97
C ASN A 339 13.34 -17.40 6.48
N ALA A 340 14.31 -16.63 5.98
CA ALA A 340 15.58 -17.23 5.59
C ALA A 340 16.28 -17.83 6.79
N ASP A 341 16.13 -17.21 7.96
CA ASP A 341 16.73 -17.71 9.18
C ASP A 341 15.85 -18.68 9.95
N ALA A 342 14.61 -18.90 9.49
CA ALA A 342 13.71 -19.83 10.17
C ALA A 342 14.05 -21.27 9.80
N THR A 343 13.66 -22.19 10.68
CA THR A 343 13.93 -23.61 10.44
C THR A 343 13.03 -24.16 9.33
N PHE A 344 13.63 -24.97 8.46
CA PHE A 344 12.92 -25.61 7.37
C PHE A 344 11.75 -26.43 7.91
N LEU A 345 10.54 -26.10 7.45
CA LEU A 345 9.31 -26.77 7.85
C LEU A 345 9.11 -26.74 9.37
N SER A 346 9.69 -25.74 10.03
CA SER A 346 9.59 -25.55 11.47
C SER A 346 9.89 -26.84 12.24
N GLN A 347 10.94 -27.53 11.84
CA GLN A 347 11.34 -28.75 12.53
C GLN A 347 11.64 -28.41 14.00
N PRO A 348 11.17 -29.24 14.95
CA PRO A 348 11.52 -29.02 16.36
C PRO A 348 13.03 -29.01 16.59
N VAL B 30 5.06 33.42 -13.64
CA VAL B 30 4.10 32.34 -13.87
C VAL B 30 4.80 30.99 -13.87
N LYS B 31 5.81 30.84 -14.73
CA LYS B 31 6.58 29.60 -14.81
C LYS B 31 7.96 29.87 -14.24
N LYS B 32 8.43 28.97 -13.38
CA LYS B 32 9.72 29.15 -12.73
C LYS B 32 10.80 28.33 -13.44
N ARG B 33 11.98 28.91 -13.52
CA ARG B 33 13.17 28.23 -14.05
C ARG B 33 14.25 28.28 -12.98
N LEU B 34 14.48 27.13 -12.34
CA LEU B 34 15.36 27.01 -11.18
C LEU B 34 16.48 26.03 -11.51
N ALA B 35 17.69 26.33 -11.01
CA ALA B 35 18.84 25.48 -11.31
C ALA B 35 19.73 25.32 -10.08
N VAL B 36 20.31 24.12 -9.96
CA VAL B 36 21.38 23.82 -9.01
C VAL B 36 22.54 23.26 -9.83
N LEU B 37 23.71 23.89 -9.74
CA LEU B 37 24.88 23.50 -10.52
C LEU B 37 25.99 23.12 -9.55
N VAL B 38 26.48 21.88 -9.65
CA VAL B 38 27.45 21.33 -8.70
C VAL B 38 28.68 20.88 -9.47
N GLY B 39 29.85 21.30 -9.01
CA GLY B 39 31.11 20.83 -9.57
C GLY B 39 32.12 20.49 -8.50
N CYS B 40 32.67 19.27 -8.53
CA CYS B 40 33.66 18.81 -7.56
C CYS B 40 34.96 18.49 -8.28
N ASN B 41 36.01 19.27 -8.00
CA ASN B 41 37.36 18.98 -8.48
C ASN B 41 38.22 18.26 -7.44
N TYR B 42 37.77 18.17 -6.18
CA TYR B 42 38.53 17.55 -5.11
C TYR B 42 39.99 18.02 -5.08
N PRO B 43 40.24 19.33 -5.06
CA PRO B 43 41.61 19.81 -5.22
C PRO B 43 42.48 19.47 -4.01
N ASN B 44 43.77 19.29 -4.28
N ASN B 44 43.77 19.28 -4.29
CA ASN B 44 44.77 18.97 -3.26
CA ASN B 44 44.77 18.97 -3.27
C ASN B 44 44.45 17.67 -2.53
C ASN B 44 44.45 17.68 -2.52
N THR B 45 43.80 16.74 -3.21
CA THR B 45 43.55 15.40 -2.69
C THR B 45 44.10 14.38 -3.68
N ARG B 46 44.02 13.10 -3.31
CA ARG B 46 44.47 12.02 -4.17
C ARG B 46 43.50 11.71 -5.31
N ASN B 47 42.32 12.32 -5.33
CA ASN B 47 41.30 12.04 -6.33
C ASN B 47 40.95 13.29 -7.13
N GLU B 48 41.97 14.10 -7.42
CA GLU B 48 41.74 15.41 -8.01
C GLU B 48 41.22 15.30 -9.44
N LEU B 49 40.26 16.15 -9.77
CA LEU B 49 39.82 16.37 -11.15
C LEU B 49 40.08 17.83 -11.50
N HIS B 50 39.98 18.16 -12.79
CA HIS B 50 40.31 19.50 -13.23
C HIS B 50 39.22 20.21 -14.04
N GLY B 51 38.28 19.49 -14.63
CA GLY B 51 37.34 20.13 -15.53
C GLY B 51 35.95 20.38 -14.97
N CYS B 52 35.69 19.99 -13.73
CA CYS B 52 34.31 19.97 -13.25
C CYS B 52 33.78 21.38 -13.00
N ILE B 53 34.59 22.27 -12.45
CA ILE B 53 34.11 23.63 -12.21
C ILE B 53 33.92 24.36 -13.53
N ASN B 54 34.80 24.10 -14.50
CA ASN B 54 34.61 24.70 -15.82
C ASN B 54 33.30 24.25 -16.46
N ASP B 55 32.93 22.98 -16.26
CA ASP B 55 31.63 22.51 -16.76
C ASP B 55 30.49 23.32 -16.16
N VAL B 56 30.55 23.58 -14.86
CA VAL B 56 29.50 24.34 -14.17
C VAL B 56 29.41 25.75 -14.74
N LEU B 57 30.55 26.42 -14.88
CA LEU B 57 30.54 27.80 -15.33
C LEU B 57 30.05 27.91 -16.76
N ALA B 58 30.41 26.96 -17.62
CA ALA B 58 29.93 26.98 -19.00
C ALA B 58 28.42 26.76 -19.06
N MET B 59 27.91 25.79 -18.29
CA MET B 59 26.48 25.54 -18.31
C MET B 59 25.71 26.71 -17.69
N LYS B 60 26.30 27.37 -16.68
CA LYS B 60 25.67 28.54 -16.11
C LYS B 60 25.45 29.62 -17.17
N GLU B 61 26.47 29.89 -17.97
CA GLU B 61 26.33 30.90 -19.02
C GLU B 61 25.30 30.49 -20.07
N THR B 62 25.23 29.19 -20.37
CA THR B 62 24.27 28.71 -21.37
C THR B 62 22.82 28.92 -20.91
N ILE B 63 22.50 28.52 -19.67
CA ILE B 63 21.10 28.62 -19.27
C ILE B 63 20.71 30.07 -19.04
N LEU B 64 21.68 30.94 -18.71
CA LEU B 64 21.42 32.36 -18.59
C LEU B 64 21.14 32.99 -19.95
N SER B 65 21.88 32.60 -20.97
CA SER B 65 21.76 33.27 -22.25
C SER B 65 20.67 32.67 -23.13
N ARG B 66 20.55 31.34 -23.14
CA ARG B 66 19.66 30.65 -24.08
C ARG B 66 18.35 30.18 -23.48
N PHE B 67 18.33 29.74 -22.23
CA PHE B 67 17.18 29.04 -21.68
C PHE B 67 16.37 29.85 -20.67
N GLY B 68 16.64 31.15 -20.56
CA GLY B 68 15.77 32.04 -19.81
C GLY B 68 15.89 31.95 -18.31
N PHE B 69 16.94 31.34 -17.78
CA PHE B 69 17.16 31.35 -16.35
C PHE B 69 17.72 32.71 -15.95
N LYS B 70 17.34 33.18 -14.75
CA LYS B 70 17.90 34.42 -14.22
C LYS B 70 18.88 34.09 -13.10
N GLN B 71 19.85 34.99 -12.91
CA GLN B 71 20.99 34.69 -12.03
C GLN B 71 20.55 34.33 -10.62
N ASP B 72 19.55 35.02 -10.07
CA ASP B 72 19.16 34.75 -8.70
C ASP B 72 18.37 33.46 -8.53
N ASP B 73 18.09 32.73 -9.61
CA ASP B 73 17.44 31.43 -9.52
C ASP B 73 18.41 30.28 -9.73
N ILE B 74 19.71 30.54 -9.67
CA ILE B 74 20.74 29.53 -9.92
C ILE B 74 21.60 29.43 -8.66
N GLU B 75 21.65 28.25 -8.07
CA GLU B 75 22.54 27.98 -6.95
C GLU B 75 23.75 27.22 -7.47
N VAL B 76 24.95 27.72 -7.18
CA VAL B 76 26.20 27.10 -7.59
C VAL B 76 26.92 26.59 -6.35
N LEU B 77 27.34 25.32 -6.39
CA LEU B 77 28.11 24.72 -5.31
C LEU B 77 29.35 24.08 -5.92
N THR B 78 30.51 24.67 -5.68
CA THR B 78 31.78 24.14 -6.18
C THR B 78 32.78 24.09 -5.03
N ASP B 79 33.80 23.24 -5.16
CA ASP B 79 34.71 23.01 -4.05
C ASP B 79 36.09 23.64 -4.27
N GLU B 80 36.16 24.71 -5.07
CA GLU B 80 37.40 25.47 -5.07
C GLU B 80 37.57 26.11 -3.69
N PRO B 81 38.81 26.23 -3.21
CA PRO B 81 39.01 26.61 -1.80
C PRO B 81 38.31 27.88 -1.38
N GLU B 82 38.14 28.84 -2.29
CA GLU B 82 37.55 30.13 -1.93
C GLU B 82 36.02 30.16 -2.05
N SER B 83 35.39 29.05 -2.40
CA SER B 83 33.94 29.08 -2.56
C SER B 83 33.27 29.29 -1.21
N LYS B 84 32.08 29.90 -1.23
CA LYS B 84 31.38 30.21 0.00
C LYS B 84 30.56 29.03 0.52
N VAL B 85 30.02 28.21 -0.38
CA VAL B 85 29.20 27.05 -0.01
C VAL B 85 29.75 25.83 -0.74
N LYS B 86 30.31 24.88 0.02
CA LYS B 86 30.91 23.68 -0.53
C LYS B 86 29.86 22.63 -0.88
N PRO B 87 30.08 21.85 -1.95
CA PRO B 87 29.12 20.82 -2.35
C PRO B 87 29.25 19.55 -1.50
N THR B 88 28.98 19.69 -0.21
CA THR B 88 28.83 18.53 0.66
C THR B 88 27.52 17.81 0.32
N GLY B 89 27.42 16.55 0.75
CA GLY B 89 26.17 15.82 0.52
C GLY B 89 24.97 16.56 1.08
N ALA B 90 25.11 17.12 2.29
CA ALA B 90 24.01 17.86 2.88
C ALA B 90 23.67 19.13 2.10
N ASN B 91 24.67 19.87 1.66
CA ASN B 91 24.40 21.13 0.97
C ASN B 91 23.75 20.88 -0.39
N ILE B 92 24.20 19.84 -1.09
CA ILE B 92 23.61 19.47 -2.38
C ILE B 92 22.15 19.08 -2.22
N LYS B 93 21.87 18.17 -1.28
CA LYS B 93 20.50 17.69 -1.11
C LYS B 93 19.60 18.82 -0.63
N ALA B 94 20.12 19.72 0.21
CA ALA B 94 19.33 20.86 0.67
C ALA B 94 19.05 21.82 -0.49
N ALA B 95 20.04 22.08 -1.35
CA ALA B 95 19.80 22.94 -2.50
C ALA B 95 18.76 22.33 -3.43
N LEU B 96 18.83 21.02 -3.64
CA LEU B 96 17.84 20.35 -4.47
C LEU B 96 16.47 20.36 -3.80
N ARG B 97 16.44 20.24 -2.47
CA ARG B 97 15.16 20.30 -1.77
C ARG B 97 14.53 21.69 -1.87
N ARG B 98 15.33 22.75 -1.77
CA ARG B 98 14.79 24.09 -1.94
C ARG B 98 14.17 24.28 -3.31
N MET B 99 14.73 23.65 -4.35
CA MET B 99 14.14 23.73 -5.68
C MET B 99 12.75 23.10 -5.69
N VAL B 100 12.63 21.90 -5.13
CA VAL B 100 11.32 21.27 -5.05
C VAL B 100 10.39 22.06 -4.12
N ASP B 101 10.93 22.86 -3.19
CA ASP B 101 10.06 23.70 -2.35
C ASP B 101 9.27 24.67 -3.20
N LYS B 102 9.82 25.05 -4.36
CA LYS B 102 9.22 26.07 -5.21
C LYS B 102 8.32 25.51 -6.31
N ALA B 103 8.47 24.24 -6.68
CA ALA B 103 7.68 23.68 -7.77
C ALA B 103 6.20 23.57 -7.39
N GLN B 104 5.34 23.97 -8.33
CA GLN B 104 3.89 23.98 -8.12
C GLN B 104 3.18 23.14 -9.19
N ALA B 105 2.10 22.48 -8.77
CA ALA B 105 1.33 21.65 -9.69
C ALA B 105 0.77 22.47 -10.84
N GLY B 106 0.77 21.88 -12.04
CA GLY B 106 0.21 22.51 -13.22
C GLY B 106 0.95 23.72 -13.73
N SER B 107 2.07 24.09 -13.11
CA SER B 107 2.79 25.31 -13.49
C SER B 107 3.71 25.12 -14.68
N GLY B 108 4.17 23.89 -14.94
CA GLY B 108 5.18 23.68 -15.95
C GLY B 108 6.55 24.15 -15.54
N ASP B 109 6.81 24.26 -14.24
CA ASP B 109 8.09 24.74 -13.77
C ASP B 109 9.23 23.88 -14.30
N ILE B 110 10.34 24.53 -14.60
CA ILE B 110 11.51 23.88 -15.18
C ILE B 110 12.61 23.89 -14.12
N LEU B 111 12.99 22.71 -13.65
CA LEU B 111 14.04 22.53 -12.66
C LEU B 111 15.23 21.82 -13.33
N PHE B 112 16.43 22.29 -13.02
CA PHE B 112 17.65 21.84 -13.69
C PHE B 112 18.73 21.55 -12.66
N PHE B 113 19.41 20.42 -12.83
CA PHE B 113 20.50 20.00 -11.94
C PHE B 113 21.67 19.55 -12.80
N HIS B 114 22.81 20.24 -12.69
CA HIS B 114 24.04 19.78 -13.32
C HIS B 114 25.02 19.32 -12.24
N TYR B 115 25.58 18.13 -12.45
CA TYR B 115 26.65 17.60 -11.60
C TYR B 115 27.84 17.22 -12.48
N SER B 116 29.01 17.73 -12.13
CA SER B 116 30.29 17.27 -12.65
C SER B 116 31.16 16.87 -11.47
N GLY B 117 31.63 15.63 -11.47
CA GLY B 117 32.47 15.17 -10.39
C GLY B 117 32.62 13.66 -10.46
N HIS B 118 33.09 13.08 -9.37
CA HIS B 118 33.28 11.63 -9.34
C HIS B 118 31.94 10.92 -9.16
N GLY B 119 31.84 9.74 -9.76
CA GLY B 119 30.74 8.83 -9.55
C GLY B 119 31.26 7.48 -9.05
N THR B 120 30.40 6.68 -8.44
CA THR B 120 30.82 5.39 -7.95
C THR B 120 29.66 4.41 -8.03
N ARG B 121 29.98 3.13 -7.88
CA ARG B 121 28.98 2.07 -7.83
C ARG B 121 29.16 1.31 -6.52
N ILE B 122 28.05 1.07 -5.83
CA ILE B 122 28.04 0.45 -4.50
C ILE B 122 27.48 -0.96 -4.62
N PRO B 123 28.18 -1.98 -4.10
CA PRO B 123 27.68 -3.36 -4.10
C PRO B 123 26.46 -3.53 -3.17
N GLN B 133 23.96 -3.56 -8.76
CA GLN B 133 24.67 -2.49 -8.06
C GLN B 133 23.88 -1.18 -8.10
N ASP B 134 24.16 -0.30 -7.15
CA ASP B 134 23.55 1.02 -7.07
C ASP B 134 24.56 2.07 -7.47
N GLU B 135 24.08 3.10 -8.17
CA GLU B 135 24.93 4.19 -8.64
C GLU B 135 24.86 5.37 -7.67
N ALA B 136 25.94 6.14 -7.61
CA ALA B 136 26.02 7.26 -6.69
C ALA B 136 26.91 8.35 -7.26
N ILE B 137 26.69 9.58 -6.79
CA ILE B 137 27.65 10.66 -6.98
C ILE B 137 28.40 10.85 -5.66
N VAL B 138 29.57 11.46 -5.75
CA VAL B 138 30.47 11.61 -4.62
C VAL B 138 30.62 13.09 -4.30
N PRO B 139 29.85 13.60 -3.34
CA PRO B 139 30.05 15.00 -2.90
C PRO B 139 31.46 15.19 -2.33
N CYS B 140 31.84 16.46 -2.16
CA CYS B 140 33.21 16.74 -1.77
C CYS B 140 33.56 16.20 -0.39
N ASP B 141 32.57 15.91 0.47
CA ASP B 141 32.81 15.28 1.75
C ASP B 141 32.54 13.78 1.74
N PHE B 142 32.29 13.20 0.56
CA PHE B 142 32.06 11.77 0.37
C PHE B 142 30.77 11.28 1.03
N ASN B 143 29.85 12.18 1.35
CA ASN B 143 28.53 11.78 1.83
C ASN B 143 27.70 11.40 0.62
N LEU B 144 27.82 10.13 0.20
CA LEU B 144 27.33 9.66 -1.09
C LEU B 144 25.83 9.93 -1.23
N ILE B 145 25.44 10.35 -2.43
CA ILE B 145 24.04 10.46 -2.81
C ILE B 145 23.80 9.42 -3.92
N THR B 146 22.87 8.50 -3.68
CA THR B 146 22.70 7.33 -4.53
C THR B 146 21.41 7.42 -5.32
N ASP B 147 21.16 6.40 -6.16
CA ASP B 147 20.03 6.46 -7.07
C ASP B 147 18.69 6.47 -6.34
N VAL B 148 18.61 5.92 -5.13
CA VAL B 148 17.34 5.98 -4.39
C VAL B 148 17.06 7.38 -3.86
N ASP B 149 18.12 8.13 -3.52
CA ASP B 149 17.94 9.52 -3.09
C ASP B 149 17.37 10.36 -4.22
N PHE B 150 17.86 10.18 -5.46
CA PHE B 150 17.32 10.98 -6.55
C PHE B 150 15.90 10.56 -6.91
N ARG B 151 15.57 9.27 -6.76
CA ARG B 151 14.18 8.85 -6.94
C ARG B 151 13.27 9.49 -5.92
N GLU B 152 13.69 9.53 -4.65
CA GLU B 152 12.87 10.17 -3.63
C GLU B 152 12.68 11.66 -3.92
N LEU B 153 13.71 12.30 -4.46
CA LEU B 153 13.64 13.72 -4.78
C LEU B 153 12.66 14.00 -5.91
N VAL B 154 12.79 13.27 -7.04
CA VAL B 154 11.89 13.53 -8.16
C VAL B 154 10.46 13.14 -7.83
N ASN B 155 10.26 12.27 -6.85
CA ASN B 155 8.89 11.92 -6.45
C ASN B 155 8.21 13.04 -5.68
N GLN B 156 8.94 14.09 -5.29
CA GLN B 156 8.31 15.25 -4.69
C GLN B 156 7.67 16.16 -5.73
N LEU B 157 7.95 15.94 -7.00
CA LEU B 157 7.49 16.88 -8.03
C LEU B 157 6.07 16.53 -8.50
N PRO B 158 5.24 17.55 -8.68
CA PRO B 158 3.90 17.32 -9.23
C PRO B 158 3.94 17.16 -10.74
N LYS B 159 2.84 16.64 -11.27
CA LYS B 159 2.69 16.48 -12.70
C LYS B 159 2.74 17.85 -13.39
N GLY B 160 3.27 17.86 -14.61
CA GLY B 160 3.41 19.07 -15.37
C GLY B 160 4.77 19.73 -15.25
N THR B 161 5.53 19.43 -14.20
CA THR B 161 6.85 19.99 -13.99
C THR B 161 7.91 19.00 -14.46
N SER B 162 9.11 19.49 -14.68
CA SER B 162 10.21 18.65 -15.13
C SER B 162 11.45 18.92 -14.29
N PHE B 163 12.16 17.85 -13.97
CA PHE B 163 13.46 17.90 -13.30
C PHE B 163 14.47 17.29 -14.25
N THR B 164 15.30 18.13 -14.87
CA THR B 164 16.29 17.67 -15.84
C THR B 164 17.64 17.62 -15.14
N MET B 165 18.23 16.43 -15.09
CA MET B 165 19.49 16.21 -14.41
C MET B 165 20.53 15.78 -15.43
N ILE B 166 21.62 16.54 -15.53
CA ILE B 166 22.77 16.19 -16.35
C ILE B 166 23.91 15.84 -15.40
N SER B 167 24.37 14.58 -15.45
CA SER B 167 25.40 14.11 -14.52
C SER B 167 26.62 13.66 -15.31
N ASP B 168 27.63 14.52 -15.35
CA ASP B 168 28.88 14.23 -16.05
C ASP B 168 29.82 13.57 -15.05
N SER B 169 29.58 12.27 -14.83
CA SER B 169 30.26 11.51 -13.79
C SER B 169 30.24 10.05 -14.21
N ALA B 170 31.16 9.27 -13.66
CA ALA B 170 31.17 7.84 -13.98
C ALA B 170 29.95 7.15 -13.40
N HIS B 171 29.55 6.06 -14.06
CA HIS B 171 28.46 5.21 -13.58
C HIS B 171 27.20 6.03 -13.37
N SER B 172 26.98 7.02 -14.23
CA SER B 172 25.87 7.94 -14.05
C SER B 172 24.56 7.43 -14.65
N GLY B 173 24.62 6.49 -15.59
CA GLY B 173 23.41 5.86 -16.09
C GLY B 173 22.68 5.13 -14.99
N GLY B 174 21.40 5.45 -14.78
CA GLY B 174 20.63 4.85 -13.71
C GLY B 174 20.58 5.65 -12.41
N LEU B 175 21.12 6.87 -12.40
CA LEU B 175 21.16 7.65 -11.16
C LEU B 175 19.77 8.02 -10.65
N ILE B 176 18.74 7.96 -11.49
CA ILE B 176 17.37 8.10 -11.02
C ILE B 176 16.77 6.70 -11.04
N ASP B 177 16.74 6.09 -9.85
CA ASP B 177 16.37 4.68 -9.73
C ASP B 177 15.02 4.39 -10.38
N LYS B 178 15.00 3.36 -11.22
CA LYS B 178 13.82 2.83 -11.90
C LYS B 178 13.26 3.77 -12.97
N GLU B 179 13.94 4.87 -13.27
CA GLU B 179 13.51 5.72 -14.38
C GLU B 179 13.70 4.97 -15.70
N LYS B 180 12.66 4.99 -16.54
CA LYS B 180 12.67 4.22 -17.79
C LYS B 180 13.83 4.64 -18.68
N GLU B 181 14.58 3.65 -19.16
CA GLU B 181 15.68 3.91 -20.09
C GLU B 181 15.11 4.22 -21.46
N GLN B 182 15.47 5.38 -21.99
CA GLN B 182 15.06 5.78 -23.34
C GLN B 182 16.18 5.64 -24.35
N ILE B 183 17.40 5.99 -23.96
CA ILE B 183 18.61 5.78 -24.74
C ILE B 183 19.62 5.13 -23.82
N GLY B 184 20.11 3.96 -24.20
CA GLY B 184 21.05 3.23 -23.40
C GLY B 184 21.30 1.85 -23.94
N PRO B 185 22.00 1.01 -23.16
CA PRO B 185 22.38 -0.31 -23.68
C PRO B 185 21.20 -1.18 -24.09
N SER B 186 20.06 -1.08 -23.41
CA SER B 186 18.91 -1.90 -23.78
C SER B 186 17.90 -1.18 -24.67
N SER B 187 18.30 -0.10 -25.33
CA SER B 187 17.35 0.63 -26.17
C SER B 187 17.91 1.11 -27.50
N VAL B 188 19.23 1.20 -27.66
CA VAL B 188 19.84 1.63 -28.91
C VAL B 188 20.98 0.67 -29.24
N SER B 189 21.28 0.58 -30.54
CA SER B 189 22.28 -0.36 -31.01
C SER B 189 23.65 0.27 -31.17
N ILE B 196 36.86 3.58 -34.61
CA ILE B 196 37.37 4.93 -34.45
C ILE B 196 38.53 4.94 -33.46
N GLU B 197 39.59 5.67 -33.80
CA GLU B 197 40.75 5.75 -32.93
C GLU B 197 40.44 6.56 -31.67
N THR B 198 40.98 6.08 -30.55
CA THR B 198 40.84 6.74 -29.26
C THR B 198 41.29 8.20 -29.35
N THR B 199 40.63 9.07 -28.59
CA THR B 199 41.03 10.46 -28.53
C THR B 199 42.52 10.58 -28.19
N ASN B 200 43.16 11.62 -28.74
CA ASN B 200 44.53 11.96 -28.36
C ASN B 200 44.59 12.85 -27.15
N LYS B 201 43.45 13.31 -26.66
CA LYS B 201 43.42 14.20 -25.51
C LYS B 201 43.90 13.48 -24.26
N THR B 202 44.41 14.26 -23.33
CA THR B 202 44.75 13.77 -22.00
C THR B 202 43.46 13.62 -21.19
N ILE B 203 43.20 12.43 -20.68
CA ILE B 203 41.93 12.16 -20.02
C ILE B 203 42.14 11.51 -18.67
N THR B 204 41.21 11.79 -17.75
CA THR B 204 41.22 11.24 -16.40
C THR B 204 39.81 10.75 -16.09
N SER B 205 39.70 9.55 -15.54
CA SER B 205 38.41 8.94 -15.23
C SER B 205 37.72 9.67 -14.09
N ARG B 206 36.42 9.93 -14.27
CA ARG B 206 35.60 10.48 -13.18
C ARG B 206 34.91 9.40 -12.35
N ALA B 207 35.59 8.27 -12.16
CA ALA B 207 35.12 7.19 -11.31
C ALA B 207 36.01 7.07 -10.08
N LEU B 208 35.38 6.90 -8.92
CA LEU B 208 36.11 6.44 -7.76
C LEU B 208 35.72 4.99 -7.49
N PRO B 209 36.66 4.07 -7.47
CA PRO B 209 36.31 2.68 -7.12
C PRO B 209 35.71 2.65 -5.72
N PHE B 210 34.82 1.68 -5.52
CA PHE B 210 34.21 1.50 -4.21
C PHE B 210 35.24 1.37 -3.10
N LYS B 211 36.33 0.64 -3.34
CA LYS B 211 37.34 0.46 -2.29
C LYS B 211 37.99 1.80 -1.92
N ALA B 212 38.19 2.68 -2.90
CA ALA B 212 38.73 4.02 -2.62
C ALA B 212 37.79 4.83 -1.76
N VAL B 213 36.48 4.78 -2.06
CA VAL B 213 35.50 5.49 -1.25
C VAL B 213 35.48 4.94 0.16
N LEU B 214 35.45 3.61 0.28
CA LEU B 214 35.41 2.98 1.60
C LEU B 214 36.66 3.34 2.40
N ASP B 215 37.83 3.37 1.75
CA ASP B 215 39.07 3.70 2.44
C ASP B 215 39.10 5.15 2.89
N HIS B 216 38.60 6.06 2.06
CA HIS B 216 38.56 7.46 2.45
C HIS B 216 37.70 7.65 3.69
N LEU B 217 36.52 7.00 3.71
CA LEU B 217 35.64 7.12 4.87
C LEU B 217 36.26 6.47 6.10
N SER B 218 36.89 5.30 5.93
CA SER B 218 37.53 4.64 7.06
C SER B 218 38.66 5.49 7.63
N SER B 219 39.32 6.29 6.79
CA SER B 219 40.36 7.18 7.27
C SER B 219 39.81 8.22 8.24
N LEU B 220 38.55 8.63 8.05
CA LEU B 220 37.95 9.65 8.88
C LEU B 220 37.34 9.09 10.16
N THR B 221 36.83 7.87 10.12
CA THR B 221 36.17 7.27 11.27
C THR B 221 37.12 6.43 12.11
N GLY B 222 38.11 5.80 11.48
CA GLY B 222 38.97 4.87 12.17
C GLY B 222 38.36 3.51 12.41
N ILE B 223 37.10 3.32 12.00
CA ILE B 223 36.41 2.05 12.16
C ILE B 223 36.82 1.09 11.05
N THR B 224 36.95 -0.18 11.42
CA THR B 224 37.35 -1.25 10.50
C THR B 224 36.07 -2.00 10.13
N THR B 225 35.55 -1.75 8.93
CA THR B 225 34.36 -2.45 8.46
C THR B 225 34.26 -2.26 6.95
N SER B 226 33.70 -3.26 6.28
CA SER B 226 33.39 -3.17 4.87
C SER B 226 32.00 -2.63 4.59
N ASP B 227 31.23 -2.34 5.64
CA ASP B 227 29.89 -1.76 5.49
C ASP B 227 30.04 -0.26 5.34
N ILE B 228 29.86 0.25 4.11
CA ILE B 228 30.02 1.68 3.90
C ILE B 228 28.94 2.47 4.63
N GLY B 229 27.77 1.86 4.83
CA GLY B 229 26.70 2.55 5.56
C GLY B 229 27.08 2.87 6.99
N THR B 230 27.85 1.99 7.63
CA THR B 230 28.30 2.24 8.99
C THR B 230 29.12 3.52 9.07
N HIS B 231 30.05 3.70 8.13
CA HIS B 231 30.85 4.93 8.10
C HIS B 231 29.96 6.14 7.86
N LEU B 232 29.05 6.05 6.89
CA LEU B 232 28.25 7.21 6.51
C LEU B 232 27.30 7.63 7.63
N LEU B 233 26.72 6.67 8.35
CA LEU B 233 25.85 7.01 9.47
C LEU B 233 26.65 7.66 10.59
N GLU B 234 27.86 7.14 10.85
CA GLU B 234 28.70 7.69 11.91
C GLU B 234 29.12 9.11 11.60
N LEU B 235 29.44 9.39 10.34
CA LEU B 235 29.96 10.70 9.96
C LEU B 235 28.84 11.71 9.74
N PHE B 236 27.72 11.29 9.16
CA PHE B 236 26.73 12.24 8.70
C PHE B 236 25.34 12.07 9.31
N GLY B 237 25.08 10.99 10.05
CA GLY B 237 23.83 10.85 10.78
C GLY B 237 22.63 10.90 9.86
N ARG B 238 21.65 11.74 10.21
CA ARG B 238 20.45 11.86 9.40
C ARG B 238 20.72 12.46 8.04
N ASP B 239 21.88 13.07 7.83
CA ASP B 239 22.24 13.57 6.52
C ASP B 239 22.77 12.49 5.58
N ALA B 240 22.94 11.26 6.05
CA ALA B 240 23.36 10.17 5.19
C ALA B 240 22.24 9.79 4.22
N GLY B 241 22.62 9.10 3.14
CA GLY B 241 21.65 8.71 2.12
C GLY B 241 20.59 7.74 2.64
N LEU B 242 19.47 7.73 1.93
CA LEU B 242 18.34 6.87 2.31
C LEU B 242 18.73 5.41 2.42
N LYS B 243 19.54 4.93 1.47
CA LYS B 243 19.95 3.53 1.46
C LYS B 243 20.60 3.13 2.78
N PHE B 244 21.26 4.08 3.44
CA PHE B 244 22.04 3.80 4.63
C PHE B 244 21.28 4.07 5.92
N ARG B 245 20.22 4.88 5.87
CA ARG B 245 19.43 5.17 7.07
C ARG B 245 18.28 4.21 7.27
N LEU B 246 17.73 3.64 6.18
CA LEU B 246 16.56 2.81 6.39
C LEU B 246 16.93 1.34 6.52
N PRO B 247 16.21 0.59 7.34
CA PRO B 247 16.32 -0.87 7.30
C PRO B 247 15.95 -1.40 5.93
N ALA B 248 16.45 -2.60 5.63
CA ALA B 248 16.31 -3.15 4.27
C ALA B 248 14.85 -3.29 3.86
N MET B 249 13.99 -3.76 4.77
CA MET B 249 12.59 -3.96 4.41
C MET B 249 11.89 -2.63 4.17
N ASP B 250 12.19 -1.62 4.98
CA ASP B 250 11.54 -0.32 4.81
C ASP B 250 12.00 0.36 3.52
N LEU B 251 13.26 0.17 3.14
CA LEU B 251 13.73 0.74 1.88
C LEU B 251 13.01 0.11 0.69
N MET B 252 12.83 -1.22 0.71
N MET B 252 12.85 -1.22 0.72
CA MET B 252 12.16 -1.87 -0.41
CA MET B 252 12.16 -1.92 -0.37
C MET B 252 10.68 -1.50 -0.46
C MET B 252 10.70 -1.50 -0.45
N ASP B 253 10.03 -1.38 0.70
CA ASP B 253 8.64 -0.95 0.71
C ASP B 253 8.51 0.48 0.18
N LEU B 254 9.42 1.36 0.57
CA LEU B 254 9.39 2.74 0.06
C LEU B 254 9.63 2.77 -1.44
N LEU B 255 10.57 1.95 -1.93
CA LEU B 255 10.86 1.91 -3.36
C LEU B 255 9.64 1.46 -4.16
N GLU B 256 8.91 0.48 -3.65
CA GLU B 256 7.70 0.03 -4.33
C GLU B 256 6.65 1.14 -4.37
N THR B 257 6.51 1.89 -3.27
CA THR B 257 5.63 3.05 -3.28
C THR B 257 6.08 4.08 -4.31
N MET B 258 7.38 4.33 -4.38
CA MET B 258 7.89 5.33 -5.31
C MET B 258 7.76 4.87 -6.76
N THR B 259 7.95 3.59 -7.03
CA THR B 259 7.70 3.08 -8.37
C THR B 259 6.23 3.20 -8.75
N ALA B 260 5.32 2.95 -7.80
CA ALA B 260 3.90 3.01 -8.10
C ALA B 260 3.47 4.40 -8.55
N ARG B 261 4.11 5.45 -8.04
CA ARG B 261 3.70 6.80 -8.43
C ARG B 261 3.99 7.11 -9.90
N GLU B 262 4.94 6.41 -10.52
CA GLU B 262 5.38 6.77 -11.86
C GLU B 262 4.30 6.56 -12.93
N LYS B 263 3.32 5.68 -12.69
CA LYS B 263 2.23 5.56 -13.65
C LYS B 263 1.31 6.78 -13.65
N HIS B 264 1.43 7.66 -12.66
CA HIS B 264 0.63 8.88 -12.59
C HIS B 264 1.44 10.14 -12.82
N VAL B 265 2.66 10.20 -12.26
CA VAL B 265 3.55 11.35 -12.43
C VAL B 265 4.95 10.82 -12.72
N ASP B 266 5.59 11.33 -13.76
CA ASP B 266 6.94 10.92 -14.13
C ASP B 266 7.65 12.16 -14.65
N SER B 267 8.26 12.91 -13.73
CA SER B 267 8.78 14.23 -14.05
C SER B 267 10.30 14.27 -14.14
N GLY B 268 10.98 13.17 -13.88
CA GLY B 268 12.43 13.16 -13.88
C GLY B 268 13.00 12.86 -15.25
N ILE B 269 14.08 13.57 -15.58
CA ILE B 269 14.76 13.44 -16.86
C ILE B 269 16.24 13.37 -16.56
N LEU B 270 16.85 12.20 -16.74
CA LEU B 270 18.28 12.02 -16.49
C LEU B 270 19.01 11.89 -17.81
N MET B 271 20.00 12.76 -18.02
CA MET B 271 20.97 12.68 -19.11
C MET B 271 22.33 12.40 -18.49
N SER B 272 22.75 11.14 -18.55
CA SER B 272 24.01 10.74 -17.93
C SER B 272 25.16 10.86 -18.92
N GLY B 273 26.37 11.06 -18.39
CA GLY B 273 27.55 11.11 -19.23
C GLY B 273 27.98 9.77 -19.79
N CYS B 274 27.53 8.67 -19.18
CA CYS B 274 27.97 7.34 -19.59
C CYS B 274 26.97 6.31 -19.08
N GLN B 275 27.21 5.05 -19.44
CA GLN B 275 26.38 3.96 -18.97
C GLN B 275 26.64 3.66 -17.49
N ALA B 276 25.75 2.86 -16.90
CA ALA B 276 25.94 2.45 -15.52
C ALA B 276 27.28 1.75 -15.33
N ASP B 277 27.77 1.03 -16.34
CA ASP B 277 28.99 0.27 -16.22
C ASP B 277 30.20 0.97 -16.81
N GLU B 278 30.11 2.28 -17.06
CA GLU B 278 31.17 3.03 -17.72
C GLU B 278 31.70 4.14 -16.82
N THR B 279 32.77 4.79 -17.27
CA THR B 279 33.23 6.02 -16.66
C THR B 279 33.04 7.18 -17.64
N SER B 280 33.13 8.39 -17.11
CA SER B 280 33.05 9.62 -17.88
C SER B 280 34.39 10.34 -17.79
N ALA B 281 34.83 10.91 -18.92
CA ALA B 281 36.18 11.44 -19.01
C ALA B 281 36.26 12.89 -18.60
N ASP B 282 37.26 13.21 -17.78
CA ASP B 282 37.74 14.57 -17.54
C ASP B 282 38.87 14.82 -18.54
N VAL B 283 38.76 15.90 -19.34
CA VAL B 283 39.67 16.16 -20.46
C VAL B 283 40.61 17.29 -20.07
N GLY B 284 41.92 17.07 -20.24
CA GLY B 284 42.89 18.12 -19.98
C GLY B 284 43.73 17.86 -18.76
N VAL B 285 44.37 18.92 -18.26
CA VAL B 285 45.42 18.73 -17.27
C VAL B 285 45.39 19.78 -16.16
N GLY B 286 44.49 20.76 -16.28
N GLY B 286 44.58 20.82 -16.35
CA GLY B 286 44.28 21.64 -15.15
CA GLY B 286 44.61 21.96 -15.46
C GLY B 286 45.11 22.90 -15.17
C GLY B 286 43.30 22.72 -15.47
N ASN B 287 45.11 23.57 -16.32
N ASN B 287 43.03 23.39 -14.36
CA ASN B 287 45.71 24.88 -16.49
CA ASN B 287 41.75 24.08 -14.14
C ASN B 287 44.66 25.96 -16.65
C ASN B 287 41.52 25.21 -15.13
N GLY B 288 43.38 25.62 -16.44
N GLY B 288 42.56 25.63 -15.87
CA GLY B 288 42.27 26.51 -16.71
CA GLY B 288 42.40 26.65 -16.87
C GLY B 288 41.45 26.15 -17.93
C GLY B 288 41.51 26.23 -18.01
N LYS B 289 41.85 25.11 -18.68
CA LYS B 289 41.15 24.72 -19.89
C LYS B 289 40.59 23.30 -19.83
N ALA B 290 40.57 22.66 -18.67
CA ALA B 290 40.03 21.31 -18.61
C ALA B 290 38.51 21.37 -18.64
N TYR B 291 37.90 20.25 -19.04
CA TYR B 291 36.45 20.15 -19.10
C TYR B 291 36.05 18.68 -19.11
N GLY B 292 34.80 18.42 -18.76
CA GLY B 292 34.24 17.10 -18.94
C GLY B 292 33.93 16.86 -20.40
N ALA B 293 34.32 15.68 -20.91
CA ALA B 293 34.06 15.35 -22.31
C ALA B 293 32.58 15.46 -22.65
N TYR B 294 31.72 14.94 -21.77
CA TYR B 294 30.29 14.96 -22.03
C TYR B 294 29.72 16.36 -21.92
N SER B 295 30.06 17.10 -20.86
CA SER B 295 29.56 18.48 -20.75
C SER B 295 29.96 19.31 -21.96
N ASN B 296 31.18 19.11 -22.44
CA ASN B 296 31.66 19.85 -23.60
C ASN B 296 30.93 19.43 -24.87
N ALA B 297 30.60 18.13 -24.99
CA ALA B 297 29.82 17.68 -26.15
C ALA B 297 28.44 18.32 -26.17
N ILE B 298 27.82 18.47 -25.00
CA ILE B 298 26.53 19.17 -24.93
C ILE B 298 26.68 20.60 -25.43
N GLN B 299 27.73 21.29 -24.99
CA GLN B 299 27.99 22.64 -25.50
C GLN B 299 28.11 22.65 -27.02
N ARG B 300 28.83 21.67 -27.58
CA ARG B 300 29.01 21.60 -29.02
C ARG B 300 27.69 21.36 -29.75
N VAL B 301 26.87 20.46 -29.24
CA VAL B 301 25.57 20.20 -29.87
C VAL B 301 24.71 21.46 -29.82
N LEU B 302 24.64 22.11 -28.65
CA LEU B 302 23.83 23.31 -28.53
C LEU B 302 24.33 24.42 -29.47
N ASN B 303 25.65 24.53 -29.62
CA ASN B 303 26.22 25.53 -30.52
C ASN B 303 25.88 25.25 -31.97
N GLU B 304 25.72 23.98 -32.34
CA GLU B 304 25.38 23.64 -33.72
C GLU B 304 23.88 23.71 -33.99
N ASN B 305 23.06 23.73 -32.93
CA ASN B 305 21.61 23.70 -33.06
C ASN B 305 21.04 24.79 -32.16
N GLU B 306 20.84 25.98 -32.73
CA GLU B 306 20.33 27.10 -31.96
C GLU B 306 18.84 26.94 -31.67
N GLY B 307 18.12 26.19 -32.49
CA GLY B 307 16.71 25.95 -32.28
C GLY B 307 16.44 25.01 -31.12
N ALA B 308 15.16 24.89 -30.80
CA ALA B 308 14.73 23.97 -29.75
C ALA B 308 15.02 22.53 -30.17
N MET B 309 15.47 21.72 -29.21
CA MET B 309 15.82 20.33 -29.44
C MET B 309 15.02 19.44 -28.48
N LYS B 310 14.57 18.29 -28.98
CA LYS B 310 14.00 17.29 -28.10
C LYS B 310 15.08 16.73 -27.18
N ASN B 311 14.65 16.26 -26.00
CA ASN B 311 15.59 15.65 -25.06
C ASN B 311 16.33 14.49 -25.71
N LYS B 312 15.62 13.63 -26.44
CA LYS B 312 16.26 12.48 -27.07
C LYS B 312 17.22 12.90 -28.16
N GLN B 313 16.91 13.99 -28.87
CA GLN B 313 17.80 14.50 -29.90
C GLN B 313 19.10 15.02 -29.31
N LEU B 314 19.01 15.75 -28.19
CA LEU B 314 20.22 16.27 -27.56
C LEU B 314 21.15 15.13 -27.15
N VAL B 315 20.61 14.10 -26.49
CA VAL B 315 21.44 12.98 -26.05
C VAL B 315 22.00 12.22 -27.24
N MET B 316 21.18 11.98 -28.27
CA MET B 316 21.66 11.22 -29.42
C MET B 316 22.77 11.96 -30.13
N MET B 317 22.65 13.29 -30.26
CA MET B 317 23.70 14.06 -30.91
C MET B 317 24.95 14.15 -30.06
N ALA B 318 24.79 14.18 -28.73
CA ALA B 318 25.96 14.16 -27.85
C ALA B 318 26.71 12.85 -27.97
N ARG B 319 26.00 11.73 -28.10
CA ARG B 319 26.66 10.45 -28.33
C ARG B 319 27.45 10.47 -29.63
N ASP B 320 26.88 11.03 -30.70
CA ASP B 320 27.57 11.08 -31.98
C ASP B 320 28.83 11.92 -31.90
N VAL B 321 28.76 13.06 -31.20
CA VAL B 321 29.93 13.91 -31.04
C VAL B 321 31.03 13.14 -30.31
N LEU B 322 30.69 12.50 -29.20
CA LEU B 322 31.69 11.78 -28.41
C LEU B 322 32.29 10.61 -29.20
N GLU B 323 31.45 9.89 -29.96
CA GLU B 323 31.97 8.79 -30.77
C GLU B 323 32.93 9.30 -31.84
N ARG B 324 32.54 10.38 -32.53
CA ARG B 324 33.38 10.95 -33.58
C ARG B 324 34.73 11.41 -33.04
N LEU B 325 34.75 11.96 -31.83
CA LEU B 325 35.97 12.50 -31.22
C LEU B 325 36.80 11.45 -30.53
N GLY B 326 36.39 10.18 -30.57
CA GLY B 326 37.20 9.10 -30.04
C GLY B 326 37.04 8.82 -28.56
N PHE B 327 36.00 9.31 -27.92
CA PHE B 327 35.72 8.93 -26.55
C PHE B 327 34.91 7.64 -26.51
N HIS B 328 35.11 6.85 -25.48
CA HIS B 328 34.47 5.55 -25.42
C HIS B 328 33.15 5.53 -24.66
N GLN B 329 32.85 6.57 -23.89
CA GLN B 329 31.64 6.57 -23.07
C GLN B 329 30.39 6.81 -23.92
N HIS B 330 29.26 6.25 -23.46
CA HIS B 330 27.99 6.36 -24.17
C HIS B 330 26.96 7.04 -23.28
N PRO B 331 26.66 8.33 -23.50
CA PRO B 331 25.63 8.99 -22.70
C PRO B 331 24.27 8.33 -22.86
N CYS B 332 23.50 8.37 -21.78
CA CYS B 332 22.20 7.71 -21.74
C CYS B 332 21.12 8.72 -21.33
N LEU B 333 19.87 8.35 -21.65
CA LEU B 333 18.71 9.17 -21.33
C LEU B 333 17.70 8.31 -20.62
N TYR B 334 17.19 8.80 -19.48
CA TYR B 334 16.14 8.11 -18.72
C TYR B 334 15.03 9.11 -18.44
N CYS B 335 13.82 8.81 -18.92
CA CYS B 335 12.66 9.67 -18.70
C CYS B 335 11.44 8.95 -19.26
N SER B 336 10.28 9.58 -19.11
CA SER B 336 9.05 9.05 -19.69
C SER B 336 9.05 9.19 -21.21
N ASP B 337 8.21 8.39 -21.87
CA ASP B 337 8.03 8.51 -23.32
C ASP B 337 7.68 9.93 -23.73
N GLN B 338 6.81 10.59 -22.96
CA GLN B 338 6.43 11.97 -23.29
C GLN B 338 7.60 12.92 -23.18
N ASN B 339 8.39 12.82 -22.10
CA ASN B 339 9.51 13.74 -21.93
C ASN B 339 10.64 13.46 -22.91
N ALA B 340 10.73 12.24 -23.45
CA ALA B 340 11.76 11.97 -24.46
C ALA B 340 11.57 12.86 -25.69
N ASP B 341 10.30 13.13 -26.04
CA ASP B 341 9.99 14.00 -27.17
C ASP B 341 9.82 15.46 -26.79
N ALA B 342 9.86 15.80 -25.50
CA ALA B 342 9.70 17.18 -25.09
C ALA B 342 11.00 17.96 -25.33
N THR B 343 10.85 19.27 -25.44
CA THR B 343 11.99 20.14 -25.70
C THR B 343 12.90 20.24 -24.48
N PHE B 344 14.21 20.19 -24.72
CA PHE B 344 15.20 20.33 -23.66
C PHE B 344 15.01 21.66 -22.94
N LEU B 345 14.76 21.58 -21.63
CA LEU B 345 14.53 22.74 -20.77
C LEU B 345 13.41 23.62 -21.27
N SER B 346 12.48 23.03 -22.02
CA SER B 346 11.32 23.71 -22.57
C SER B 346 11.70 25.03 -23.23
N GLN B 347 12.77 24.99 -24.02
CA GLN B 347 13.19 26.15 -24.77
C GLN B 347 12.04 26.62 -25.66
N PRO B 348 11.64 27.90 -25.59
CA PRO B 348 10.52 28.45 -26.37
C PRO B 348 10.72 28.26 -27.88
N VAL C 30 -19.46 -19.76 -16.41
CA VAL C 30 -18.18 -19.08 -16.23
C VAL C 30 -18.16 -18.38 -14.87
N LYS C 31 -19.35 -18.01 -14.38
CA LYS C 31 -19.52 -17.33 -13.11
C LYS C 31 -20.18 -18.26 -12.10
N LYS C 32 -19.67 -18.26 -10.87
CA LYS C 32 -20.18 -19.14 -9.83
C LYS C 32 -21.17 -18.41 -8.94
N ARG C 33 -22.22 -19.11 -8.52
CA ARG C 33 -23.20 -18.59 -7.57
C ARG C 33 -23.26 -19.59 -6.43
N LEU C 34 -22.67 -19.25 -5.29
CA LEU C 34 -22.53 -20.16 -4.16
C LEU C 34 -23.23 -19.58 -2.95
N ALA C 35 -23.87 -20.43 -2.16
CA ALA C 35 -24.59 -19.98 -0.99
C ALA C 35 -24.38 -20.90 0.19
N VAL C 36 -24.35 -20.29 1.38
CA VAL C 36 -24.39 -20.97 2.67
C VAL C 36 -25.58 -20.38 3.43
N LEU C 37 -26.52 -21.23 3.83
CA LEU C 37 -27.74 -20.81 4.52
C LEU C 37 -27.78 -21.48 5.89
N VAL C 38 -27.81 -20.66 6.93
CA VAL C 38 -27.72 -21.12 8.32
C VAL C 38 -28.96 -20.64 9.06
N GLY C 39 -29.64 -21.57 9.75
CA GLY C 39 -30.73 -21.22 10.64
C GLY C 39 -30.63 -21.96 11.96
N CYS C 40 -30.70 -21.23 13.07
CA CYS C 40 -30.63 -21.81 14.41
C CYS C 40 -31.92 -21.50 15.16
N ASN C 41 -32.69 -22.53 15.48
CA ASN C 41 -33.85 -22.40 16.36
C ASN C 41 -33.55 -22.79 17.80
N TYR C 42 -32.39 -23.39 18.07
CA TYR C 42 -32.02 -23.85 19.42
C TYR C 42 -33.16 -24.60 20.10
N PRO C 43 -33.71 -25.64 19.45
CA PRO C 43 -34.92 -26.27 20.01
C PRO C 43 -34.61 -27.01 21.29
N ASN C 44 -35.62 -27.11 22.16
CA ASN C 44 -35.52 -27.81 23.45
C ASN C 44 -34.42 -27.20 24.31
N THR C 45 -34.27 -25.88 24.24
CA THR C 45 -33.35 -25.14 25.08
C THR C 45 -34.08 -23.96 25.70
N ARG C 46 -33.37 -23.24 26.56
CA ARG C 46 -33.89 -22.06 27.25
C ARG C 46 -33.95 -20.83 26.36
N ASN C 47 -33.35 -20.89 25.16
CA ASN C 47 -33.28 -19.74 24.25
C ASN C 47 -33.87 -20.09 22.88
N GLU C 48 -35.01 -20.78 22.87
CA GLU C 48 -35.59 -21.30 21.64
C GLU C 48 -36.14 -20.17 20.76
N LEU C 49 -35.94 -20.31 19.46
CA LEU C 49 -36.58 -19.48 18.43
C LEU C 49 -37.39 -20.39 17.52
N HIS C 50 -38.25 -19.80 16.70
CA HIS C 50 -39.15 -20.61 15.88
C HIS C 50 -39.14 -20.28 14.39
N GLY C 51 -38.64 -19.14 13.96
CA GLY C 51 -38.76 -18.79 12.56
C GLY C 51 -37.49 -18.92 11.73
N CYS C 52 -36.38 -19.33 12.34
CA CYS C 52 -35.09 -19.20 11.65
C CYS C 52 -34.95 -20.20 10.51
N ILE C 53 -35.41 -21.44 10.71
CA ILE C 53 -35.32 -22.42 9.65
C ILE C 53 -36.30 -22.09 8.53
N ASN C 54 -37.48 -21.56 8.88
CA ASN C 54 -38.42 -21.15 7.84
C ASN C 54 -37.81 -20.05 6.97
N ASP C 55 -37.05 -19.13 7.58
CA ASP C 55 -36.33 -18.11 6.80
C ASP C 55 -35.38 -18.75 5.80
N VAL C 56 -34.62 -19.76 6.26
CA VAL C 56 -33.64 -20.43 5.41
C VAL C 56 -34.33 -21.10 4.22
N LEU C 57 -35.43 -21.82 4.48
CA LEU C 57 -36.10 -22.54 3.41
C LEU C 57 -36.71 -21.58 2.40
N ALA C 58 -37.26 -20.46 2.86
CA ALA C 58 -37.82 -19.48 1.95
C ALA C 58 -36.76 -18.83 1.08
N MET C 59 -35.62 -18.46 1.68
CA MET C 59 -34.56 -17.85 0.88
C MET C 59 -33.93 -18.88 -0.06
N LYS C 60 -33.88 -20.15 0.34
CA LYS C 60 -33.41 -21.20 -0.57
C LYS C 60 -34.26 -21.25 -1.82
N GLU C 61 -35.59 -21.25 -1.66
CA GLU C 61 -36.46 -21.28 -2.82
C GLU C 61 -36.30 -20.03 -3.67
N THR C 62 -36.09 -18.89 -3.02
CA THR C 62 -35.91 -17.63 -3.76
C THR C 62 -34.66 -17.67 -4.63
N ILE C 63 -33.51 -18.05 -4.04
CA ILE C 63 -32.30 -17.97 -4.86
C ILE C 63 -32.31 -19.04 -5.94
N LEU C 64 -33.02 -20.15 -5.71
CA LEU C 64 -33.14 -21.17 -6.75
C LEU C 64 -34.01 -20.67 -7.91
N SER C 65 -35.10 -19.98 -7.61
CA SER C 65 -36.05 -19.63 -8.66
C SER C 65 -35.71 -18.30 -9.34
N ARG C 66 -35.27 -17.30 -8.57
CA ARG C 66 -35.07 -15.95 -9.10
C ARG C 66 -33.62 -15.61 -9.40
N PHE C 67 -32.66 -16.12 -8.64
CA PHE C 67 -31.29 -15.63 -8.71
C PHE C 67 -30.31 -16.61 -9.35
N GLY C 68 -30.80 -17.68 -9.98
CA GLY C 68 -29.94 -18.52 -10.82
C GLY C 68 -29.02 -19.45 -10.07
N PHE C 69 -29.24 -19.68 -8.78
CA PHE C 69 -28.43 -20.63 -8.03
C PHE C 69 -28.87 -22.06 -8.36
N LYS C 70 -27.91 -22.98 -8.28
CA LYS C 70 -28.18 -24.41 -8.46
C LYS C 70 -28.16 -25.09 -7.10
N GLN C 71 -28.95 -26.16 -6.97
CA GLN C 71 -29.12 -26.80 -5.67
C GLN C 71 -27.80 -27.33 -5.13
N ASP C 72 -26.97 -27.92 -5.99
CA ASP C 72 -25.73 -28.50 -5.49
C ASP C 72 -24.69 -27.44 -5.13
N ASP C 73 -24.99 -26.15 -5.32
CA ASP C 73 -24.13 -25.05 -4.90
C ASP C 73 -24.62 -24.37 -3.63
N ILE C 74 -25.56 -24.99 -2.92
CA ILE C 74 -26.14 -24.41 -1.72
C ILE C 74 -25.89 -25.37 -0.57
N GLU C 75 -25.21 -24.90 0.47
CA GLU C 75 -25.03 -25.65 1.70
C GLU C 75 -26.01 -25.13 2.74
N VAL C 76 -26.79 -26.03 3.32
CA VAL C 76 -27.77 -25.67 4.35
C VAL C 76 -27.33 -26.27 5.68
N LEU C 77 -27.28 -25.44 6.72
CA LEU C 77 -26.95 -25.87 8.08
C LEU C 77 -28.05 -25.41 9.02
N THR C 78 -28.85 -26.33 9.52
CA THR C 78 -29.91 -25.99 10.46
C THR C 78 -29.82 -26.94 11.64
N ASP C 79 -30.38 -26.53 12.78
CA ASP C 79 -30.23 -27.31 14.00
C ASP C 79 -31.50 -28.03 14.41
N GLU C 80 -32.37 -28.35 13.46
CA GLU C 80 -33.43 -29.29 13.79
C GLU C 80 -32.79 -30.65 14.05
N PRO C 81 -33.33 -31.43 14.99
CA PRO C 81 -32.61 -32.64 15.45
C PRO C 81 -32.22 -33.60 14.33
N GLU C 82 -33.01 -33.68 13.26
CA GLU C 82 -32.73 -34.63 12.19
C GLU C 82 -31.81 -34.08 11.11
N SER C 83 -31.31 -32.86 11.27
CA SER C 83 -30.45 -32.27 10.25
C SER C 83 -29.14 -33.05 10.14
N LYS C 84 -28.57 -33.04 8.93
CA LYS C 84 -27.37 -33.82 8.69
C LYS C 84 -26.10 -33.08 9.12
N VAL C 85 -26.07 -31.76 9.00
CA VAL C 85 -24.91 -30.94 9.37
C VAL C 85 -25.39 -29.83 10.28
N LYS C 86 -24.96 -29.85 11.55
CA LYS C 86 -25.41 -28.87 12.52
C LYS C 86 -24.63 -27.57 12.35
N PRO C 87 -25.26 -26.43 12.56
CA PRO C 87 -24.59 -25.13 12.41
C PRO C 87 -23.75 -24.77 13.63
N THR C 88 -22.74 -25.59 13.91
CA THR C 88 -21.73 -25.23 14.90
C THR C 88 -20.83 -24.13 14.36
N GLY C 89 -20.11 -23.48 15.27
CA GLY C 89 -19.17 -22.44 14.84
C GLY C 89 -18.17 -22.97 13.82
N ALA C 90 -17.64 -24.17 14.06
CA ALA C 90 -16.66 -24.75 13.13
C ALA C 90 -17.30 -25.09 11.79
N ASN C 91 -18.50 -25.67 11.81
CA ASN C 91 -19.14 -26.07 10.55
C ASN C 91 -19.54 -24.85 9.72
N ILE C 92 -20.01 -23.79 10.38
CA ILE C 92 -20.34 -22.56 9.66
C ILE C 92 -19.09 -21.98 9.02
N LYS C 93 -18.02 -21.85 9.80
CA LYS C 93 -16.80 -21.24 9.25
C LYS C 93 -16.21 -22.12 8.15
N ALA C 94 -16.31 -23.45 8.27
CA ALA C 94 -15.80 -24.33 7.23
C ALA C 94 -16.61 -24.20 5.94
N ALA C 95 -17.93 -24.10 6.06
CA ALA C 95 -18.76 -23.91 4.87
C ALA C 95 -18.44 -22.59 4.21
N LEU C 96 -18.21 -21.53 4.99
CA LEU C 96 -17.88 -20.24 4.41
C LEU C 96 -16.51 -20.27 3.75
N ARG C 97 -15.57 -21.01 4.34
CA ARG C 97 -14.24 -21.15 3.74
C ARG C 97 -14.29 -21.93 2.43
N ARG C 98 -15.12 -22.96 2.34
CA ARG C 98 -15.25 -23.68 1.08
C ARG C 98 -15.74 -22.76 -0.03
N MET C 99 -16.61 -21.80 0.31
CA MET C 99 -17.07 -20.84 -0.70
C MET C 99 -15.92 -19.97 -1.18
N VAL C 100 -15.12 -19.41 -0.25
CA VAL C 100 -13.97 -18.62 -0.69
C VAL C 100 -12.94 -19.48 -1.42
N ASP C 101 -12.91 -20.79 -1.18
CA ASP C 101 -11.96 -21.64 -1.91
C ASP C 101 -12.24 -21.60 -3.40
N LYS C 102 -13.49 -21.35 -3.77
CA LYS C 102 -13.90 -21.36 -5.17
C LYS C 102 -13.87 -20.00 -5.85
N ALA C 103 -13.89 -18.90 -5.09
CA ALA C 103 -13.90 -17.58 -5.71
C ALA C 103 -12.61 -17.30 -6.44
N GLN C 104 -12.73 -16.74 -7.64
CA GLN C 104 -11.58 -16.45 -8.49
C GLN C 104 -11.57 -14.98 -8.90
N ALA C 105 -10.37 -14.40 -8.98
CA ALA C 105 -10.23 -13.01 -9.37
C ALA C 105 -10.78 -12.78 -10.78
N GLY C 106 -11.42 -11.63 -10.97
CA GLY C 106 -11.95 -11.23 -12.26
C GLY C 106 -13.14 -12.03 -12.77
N SER C 107 -13.64 -12.98 -11.99
CA SER C 107 -14.73 -13.85 -12.42
C SER C 107 -16.12 -13.24 -12.19
N GLY C 108 -16.25 -12.32 -11.23
CA GLY C 108 -17.57 -11.87 -10.86
C GLY C 108 -18.37 -12.88 -10.05
N ASP C 109 -17.69 -13.80 -9.37
CA ASP C 109 -18.39 -14.83 -8.61
C ASP C 109 -19.29 -14.22 -7.55
N ILE C 110 -20.42 -14.86 -7.31
CA ILE C 110 -21.44 -14.38 -6.38
C ILE C 110 -21.50 -15.35 -5.21
N LEU C 111 -21.13 -14.88 -4.01
CA LEU C 111 -21.19 -15.68 -2.81
C LEU C 111 -22.24 -15.08 -1.89
N PHE C 112 -23.04 -15.95 -1.28
CA PHE C 112 -24.18 -15.53 -0.47
C PHE C 112 -24.21 -16.30 0.84
N PHE C 113 -24.42 -15.57 1.94
CA PHE C 113 -24.52 -16.13 3.28
C PHE C 113 -25.77 -15.57 3.93
N HIS C 114 -26.72 -16.44 4.26
CA HIS C 114 -27.88 -16.06 5.06
C HIS C 114 -27.73 -16.68 6.44
N TYR C 115 -27.94 -15.85 7.47
CA TYR C 115 -27.99 -16.32 8.85
C TYR C 115 -29.28 -15.84 9.51
N SER C 116 -30.03 -16.78 10.09
CA SER C 116 -31.13 -16.48 11.00
C SER C 116 -30.86 -17.21 12.31
N GLY C 117 -30.83 -16.46 13.39
CA GLY C 117 -30.60 -17.04 14.70
C GLY C 117 -30.32 -15.94 15.69
N HIS C 118 -29.80 -16.32 16.85
CA HIS C 118 -29.50 -15.33 17.88
C HIS C 118 -28.26 -14.53 17.53
N GLY C 119 -28.25 -13.26 17.96
CA GLY C 119 -27.05 -12.46 17.90
C GLY C 119 -26.72 -11.98 19.30
N THR C 120 -25.47 -11.59 19.53
CA THR C 120 -25.10 -11.11 20.85
C THR C 120 -24.05 -10.02 20.68
N ARG C 121 -23.82 -9.28 21.75
CA ARG C 121 -22.82 -8.24 21.78
C ARG C 121 -21.89 -8.49 22.95
N ILE C 122 -20.59 -8.36 22.72
CA ILE C 122 -19.59 -8.60 23.74
C ILE C 122 -19.13 -7.25 24.26
N PRO C 123 -19.31 -6.94 25.56
CA PRO C 123 -18.87 -5.65 26.10
C PRO C 123 -17.36 -5.52 26.15
N SER C 124 -16.86 -4.34 26.53
CA SER C 124 -15.44 -4.15 26.74
C SER C 124 -15.14 -3.93 28.23
N LYS C 132 -17.39 0.79 23.50
CA LYS C 132 -17.04 -0.03 22.34
C LYS C 132 -17.36 -1.50 22.57
N GLN C 133 -18.11 -2.10 21.64
CA GLN C 133 -18.54 -3.48 21.77
C GLN C 133 -18.38 -4.20 20.45
N ASP C 134 -18.28 -5.52 20.52
CA ASP C 134 -18.19 -6.36 19.34
C ASP C 134 -19.49 -7.12 19.12
N GLU C 135 -19.88 -7.28 17.86
CA GLU C 135 -21.08 -8.01 17.48
C GLU C 135 -20.74 -9.44 17.12
N ALA C 136 -21.69 -10.34 17.35
CA ALA C 136 -21.48 -11.76 17.07
C ALA C 136 -22.78 -12.44 16.68
N ILE C 137 -22.65 -13.54 15.93
CA ILE C 137 -23.74 -14.49 15.78
C ILE C 137 -23.45 -15.68 16.70
N VAL C 138 -24.50 -16.41 17.04
CA VAL C 138 -24.43 -17.48 18.02
C VAL C 138 -24.73 -18.82 17.35
N PRO C 139 -23.71 -19.56 16.95
CA PRO C 139 -23.94 -20.91 16.43
C PRO C 139 -24.57 -21.80 17.49
N CYS C 140 -25.04 -22.97 17.05
CA CYS C 140 -25.80 -23.83 17.95
C CYS C 140 -24.97 -24.36 19.11
N ASP C 141 -23.64 -24.38 19.00
CA ASP C 141 -22.77 -24.77 20.10
C ASP C 141 -22.19 -23.57 20.83
N PHE C 142 -22.65 -22.36 20.53
CA PHE C 142 -22.23 -21.13 21.18
C PHE C 142 -20.76 -20.78 20.91
N ASN C 143 -20.16 -21.37 19.89
CA ASN C 143 -18.81 -20.99 19.49
C ASN C 143 -18.92 -19.73 18.64
N LEU C 144 -18.93 -18.59 19.33
CA LEU C 144 -19.30 -17.31 18.72
C LEU C 144 -18.43 -16.97 17.52
N ILE C 145 -19.07 -16.43 16.49
CA ILE C 145 -18.39 -15.86 15.32
C ILE C 145 -18.65 -14.36 15.35
N THR C 146 -17.58 -13.58 15.45
CA THR C 146 -17.69 -12.15 15.73
C THR C 146 -17.31 -11.34 14.50
N ASP C 147 -17.42 -10.01 14.65
CA ASP C 147 -17.25 -9.13 13.49
C ASP C 147 -15.84 -9.18 12.90
N VAL C 148 -14.82 -9.50 13.72
CA VAL C 148 -13.47 -9.60 13.17
C VAL C 148 -13.30 -10.88 12.36
N ASP C 149 -14.04 -11.94 12.71
CA ASP C 149 -14.02 -13.16 11.90
C ASP C 149 -14.59 -12.91 10.51
N PHE C 150 -15.68 -12.16 10.40
CA PHE C 150 -16.25 -11.90 9.07
C PHE C 150 -15.38 -10.94 8.27
N ARG C 151 -14.71 -10.01 8.94
CA ARG C 151 -13.76 -9.15 8.26
C ARG C 151 -12.60 -9.98 7.70
N GLU C 152 -12.08 -10.91 8.48
CA GLU C 152 -11.01 -11.78 8.01
C GLU C 152 -11.48 -12.63 6.83
N LEU C 153 -12.74 -13.08 6.85
CA LEU C 153 -13.28 -13.90 5.77
C LEU C 153 -13.40 -13.10 4.47
N VAL C 154 -14.02 -11.91 4.52
CA VAL C 154 -14.17 -11.15 3.29
C VAL C 154 -12.82 -10.65 2.77
N ASN C 155 -11.80 -10.53 3.62
CA ASN C 155 -10.50 -10.16 3.10
C ASN C 155 -9.80 -11.31 2.38
N GLN C 156 -10.34 -12.53 2.43
CA GLN C 156 -9.82 -13.65 1.66
C GLN C 156 -10.31 -13.66 0.23
N LEU C 157 -11.30 -12.83 -0.11
CA LEU C 157 -11.92 -12.80 -1.43
C LEU C 157 -11.12 -11.91 -2.39
N PRO C 158 -10.99 -12.32 -3.64
CA PRO C 158 -10.29 -11.49 -4.62
C PRO C 158 -11.21 -10.39 -5.13
N LYS C 159 -10.58 -9.38 -5.74
CA LYS C 159 -11.32 -8.31 -6.37
C LYS C 159 -12.17 -8.88 -7.52
N GLY C 160 -13.33 -8.26 -7.74
CA GLY C 160 -14.24 -8.71 -8.77
C GLY C 160 -15.33 -9.63 -8.26
N THR C 161 -15.16 -10.24 -7.09
CA THR C 161 -16.15 -11.11 -6.50
C THR C 161 -16.92 -10.38 -5.39
N SER C 162 -18.08 -10.92 -5.05
CA SER C 162 -18.91 -10.31 -4.01
C SER C 162 -19.37 -11.36 -3.01
N PHE C 163 -19.41 -10.97 -1.74
CA PHE C 163 -19.92 -11.75 -0.63
C PHE C 163 -21.08 -10.99 0.00
N THR C 164 -22.29 -11.46 -0.23
CA THR C 164 -23.49 -10.82 0.30
C THR C 164 -23.94 -11.61 1.54
N MET C 165 -24.01 -10.92 2.67
CA MET C 165 -24.40 -11.53 3.93
C MET C 165 -25.67 -10.87 4.43
N ILE C 166 -26.71 -11.67 4.62
CA ILE C 166 -27.96 -11.22 5.26
C ILE C 166 -28.02 -11.87 6.63
N SER C 167 -28.00 -11.06 7.68
CA SER C 167 -28.00 -11.60 9.04
C SER C 167 -29.25 -11.13 9.76
N ASP C 168 -30.24 -12.02 9.86
CA ASP C 168 -31.50 -11.73 10.55
C ASP C 168 -31.30 -12.16 12.01
N SER C 169 -30.66 -11.29 12.77
CA SER C 169 -30.25 -11.59 14.13
C SER C 169 -30.07 -10.28 14.86
N ALA C 170 -30.14 -10.33 16.19
CA ALA C 170 -29.95 -9.11 16.95
C ALA C 170 -28.52 -8.61 16.84
N HIS C 171 -28.35 -7.30 17.01
CA HIS C 171 -27.05 -6.67 17.04
C HIS C 171 -26.24 -6.98 15.80
N SER C 172 -26.92 -7.12 14.66
CA SER C 172 -26.26 -7.56 13.43
C SER C 172 -25.62 -6.41 12.67
N GLY C 173 -26.03 -5.18 12.90
CA GLY C 173 -25.36 -4.04 12.32
C GLY C 173 -23.91 -4.00 12.76
N GLY C 174 -22.98 -3.96 11.82
CA GLY C 174 -21.56 -3.98 12.15
C GLY C 174 -20.91 -5.34 12.17
N LEU C 175 -21.60 -6.40 11.75
CA LEU C 175 -21.04 -7.75 11.80
C LEU C 175 -19.83 -7.93 10.89
N ILE C 176 -19.62 -7.06 9.91
CA ILE C 176 -18.38 -7.09 9.15
C ILE C 176 -17.55 -5.90 9.61
N ASP C 177 -16.60 -6.17 10.51
CA ASP C 177 -15.86 -5.11 11.18
C ASP C 177 -15.23 -4.15 10.18
N LYS C 178 -15.43 -2.86 10.42
CA LYS C 178 -14.89 -1.74 9.66
C LYS C 178 -15.51 -1.57 8.27
N GLU C 179 -16.52 -2.37 7.91
CA GLU C 179 -17.16 -2.16 6.62
C GLU C 179 -17.93 -0.84 6.62
N LYS C 180 -17.75 -0.05 5.56
CA LYS C 180 -18.36 1.27 5.52
C LYS C 180 -19.87 1.20 5.63
N GLU C 181 -20.43 2.01 6.53
CA GLU C 181 -21.88 2.09 6.69
C GLU C 181 -22.48 2.91 5.56
N GLN C 182 -23.42 2.31 4.83
CA GLN C 182 -24.13 2.98 3.75
C GLN C 182 -25.53 3.40 4.14
N ILE C 183 -26.24 2.56 4.89
CA ILE C 183 -27.54 2.87 5.46
C ILE C 183 -27.48 2.49 6.93
N GLY C 184 -27.72 3.45 7.82
CA GLY C 184 -27.66 3.18 9.23
C GLY C 184 -27.76 4.43 10.07
N PRO C 185 -27.53 4.30 11.38
CA PRO C 185 -27.75 5.45 12.28
C PRO C 185 -26.90 6.67 11.96
N SER C 186 -25.65 6.48 11.54
CA SER C 186 -24.78 7.61 11.25
C SER C 186 -24.76 7.96 9.76
N SER C 187 -25.78 7.55 9.02
CA SER C 187 -25.84 7.84 7.59
C SER C 187 -27.23 8.21 7.08
N VAL C 188 -28.29 7.99 7.87
CA VAL C 188 -29.63 8.40 7.48
C VAL C 188 -30.27 9.16 8.64
N ILE C 196 -46.60 3.39 12.83
CA ILE C 196 -46.31 4.14 14.04
C ILE C 196 -46.64 3.30 15.28
N GLU C 197 -47.85 2.74 15.32
CA GLU C 197 -48.23 1.87 16.43
C GLU C 197 -47.47 0.56 16.32
N THR C 198 -46.99 0.06 17.46
CA THR C 198 -46.27 -1.20 17.50
C THR C 198 -47.08 -2.31 16.85
N THR C 199 -46.38 -3.23 16.19
CA THR C 199 -47.01 -4.40 15.58
C THR C 199 -47.88 -5.12 16.60
N ASN C 200 -48.99 -5.68 16.13
CA ASN C 200 -49.82 -6.55 16.95
C ASN C 200 -49.34 -7.98 16.92
N LYS C 201 -48.33 -8.30 16.11
CA LYS C 201 -47.83 -9.66 16.02
C LYS C 201 -47.17 -10.09 17.32
N THR C 202 -47.19 -11.40 17.55
CA THR C 202 -46.46 -12.02 18.64
C THR C 202 -44.99 -12.12 18.24
N ILE C 203 -44.10 -11.53 19.04
CA ILE C 203 -42.70 -11.42 18.63
C ILE C 203 -41.79 -11.89 19.76
N THR C 204 -40.63 -12.42 19.36
CA THR C 204 -39.59 -12.90 20.27
C THR C 204 -38.26 -12.35 19.79
N SER C 205 -37.49 -11.77 20.71
CA SER C 205 -36.22 -11.16 20.38
C SER C 205 -35.19 -12.19 19.95
N ARG C 206 -34.47 -11.90 18.86
CA ARG C 206 -33.34 -12.75 18.44
C ARG C 206 -32.03 -12.30 19.04
N ALA C 207 -32.08 -11.82 20.29
CA ALA C 207 -30.91 -11.43 21.05
C ALA C 207 -30.70 -12.43 22.17
N LEU C 208 -29.47 -12.89 22.34
CA LEU C 208 -29.08 -13.64 23.51
C LEU C 208 -28.21 -12.73 24.37
N PRO C 209 -28.60 -12.44 25.61
CA PRO C 209 -27.74 -11.59 26.44
C PRO C 209 -26.37 -12.22 26.62
N PHE C 210 -25.35 -11.37 26.69
CA PHE C 210 -23.99 -11.84 26.90
C PHE C 210 -23.88 -12.71 28.13
N LYS C 211 -24.56 -12.31 29.22
CA LYS C 211 -24.51 -13.11 30.44
C LYS C 211 -25.05 -14.52 30.21
N ALA C 212 -26.08 -14.65 29.37
CA ALA C 212 -26.60 -15.97 29.06
C ALA C 212 -25.59 -16.81 28.29
N VAL C 213 -24.92 -16.21 27.32
CA VAL C 213 -23.88 -16.94 26.59
C VAL C 213 -22.74 -17.28 27.55
N LEU C 214 -22.31 -16.30 28.34
CA LEU C 214 -21.21 -16.53 29.28
C LEU C 214 -21.57 -17.63 30.27
N ASP C 215 -22.79 -17.62 30.82
CA ASP C 215 -23.18 -18.63 31.78
C ASP C 215 -23.21 -20.02 31.16
N HIS C 216 -23.69 -20.12 29.93
CA HIS C 216 -23.72 -21.40 29.22
C HIS C 216 -22.32 -21.98 29.07
N LEU C 217 -21.38 -21.17 28.61
CA LEU C 217 -20.02 -21.65 28.41
C LEU C 217 -19.32 -21.96 29.72
N SER C 218 -19.46 -21.07 30.72
CA SER C 218 -18.77 -21.29 31.98
C SER C 218 -19.25 -22.56 32.67
N SER C 219 -20.51 -22.96 32.45
CA SER C 219 -20.98 -24.23 32.99
C SER C 219 -20.26 -25.41 32.38
N LEU C 220 -19.81 -25.29 31.12
CA LEU C 220 -19.13 -26.40 30.46
C LEU C 220 -17.65 -26.46 30.81
N THR C 221 -17.03 -25.32 31.09
CA THR C 221 -15.59 -25.28 31.40
C THR C 221 -15.30 -25.39 32.88
N GLY C 222 -16.19 -24.86 33.74
CA GLY C 222 -15.92 -24.77 35.15
C GLY C 222 -15.03 -23.61 35.54
N ILE C 223 -14.60 -22.79 34.58
CA ILE C 223 -13.76 -21.63 34.86
C ILE C 223 -14.63 -20.47 35.32
N THR C 224 -14.14 -19.71 36.30
CA THR C 224 -14.87 -18.59 36.86
C THR C 224 -14.32 -17.25 36.36
N THR C 225 -14.41 -17.02 35.07
CA THR C 225 -14.01 -15.74 34.50
C THR C 225 -15.16 -15.17 33.68
N SER C 226 -15.25 -13.84 33.64
CA SER C 226 -16.21 -13.16 32.78
C SER C 226 -15.64 -12.88 31.40
N ASP C 227 -14.41 -13.28 31.13
CA ASP C 227 -13.81 -13.16 29.81
C ASP C 227 -14.28 -14.33 28.97
N ILE C 228 -15.21 -14.08 28.05
CA ILE C 228 -15.80 -15.18 27.30
C ILE C 228 -14.75 -15.86 26.42
N GLY C 229 -13.72 -15.14 26.00
CA GLY C 229 -12.68 -15.74 25.17
C GLY C 229 -11.95 -16.88 25.83
N THR C 230 -11.72 -16.77 27.15
CA THR C 230 -11.06 -17.85 27.87
C THR C 230 -11.88 -19.14 27.79
N HIS C 231 -13.20 -19.05 27.95
CA HIS C 231 -14.06 -20.22 27.82
C HIS C 231 -14.00 -20.77 26.40
N LEU C 232 -14.11 -19.90 25.41
CA LEU C 232 -14.18 -20.34 24.02
C LEU C 232 -12.90 -21.00 23.57
N LEU C 233 -11.76 -20.47 24.03
CA LEU C 233 -10.49 -21.09 23.67
C LEU C 233 -10.35 -22.45 24.34
N GLU C 234 -10.82 -22.57 25.59
CA GLU C 234 -10.76 -23.85 26.29
C GLU C 234 -11.66 -24.89 25.61
N LEU C 235 -12.84 -24.48 25.15
CA LEU C 235 -13.77 -25.45 24.58
C LEU C 235 -13.46 -25.78 23.13
N PHE C 236 -13.05 -24.78 22.34
CA PHE C 236 -12.98 -24.96 20.90
C PHE C 236 -11.58 -24.80 20.32
N GLY C 237 -10.59 -24.39 21.12
CA GLY C 237 -9.21 -24.39 20.65
C GLY C 237 -9.02 -23.51 19.42
N ARG C 238 -8.37 -24.07 18.39
CA ARG C 238 -8.14 -23.30 17.17
C ARG C 238 -9.43 -23.00 16.41
N ASP C 239 -10.52 -23.67 16.74
CA ASP C 239 -11.82 -23.35 16.15
C ASP C 239 -12.50 -22.15 16.81
N ALA C 240 -11.92 -21.61 17.88
CA ALA C 240 -12.47 -20.41 18.50
C ALA C 240 -12.26 -19.19 17.59
N GLY C 241 -13.03 -18.14 17.86
CA GLY C 241 -12.93 -16.94 17.05
C GLY C 241 -11.58 -16.27 17.13
N LEU C 242 -11.28 -15.52 16.06
CA LEU C 242 -10.00 -14.82 15.93
C LEU C 242 -9.75 -13.87 17.09
N LYS C 243 -10.78 -13.15 17.53
CA LYS C 243 -10.64 -12.20 18.63
C LYS C 243 -10.10 -12.88 19.89
N PHE C 244 -10.40 -14.16 20.06
CA PHE C 244 -10.08 -14.88 21.28
C PHE C 244 -8.78 -15.65 21.18
N ARG C 245 -8.28 -15.91 19.97
CA ARG C 245 -7.01 -16.59 19.83
C ARG C 245 -5.83 -15.64 19.77
N LEU C 246 -6.02 -14.41 19.30
CA LEU C 246 -4.87 -13.53 19.19
C LEU C 246 -4.76 -12.59 20.39
N PRO C 247 -3.54 -12.29 20.84
CA PRO C 247 -3.36 -11.19 21.79
C PRO C 247 -3.82 -9.87 21.19
N ALA C 248 -4.13 -8.92 22.09
CA ALA C 248 -4.74 -7.65 21.68
C ALA C 248 -3.87 -6.92 20.66
N MET C 249 -2.56 -6.87 20.87
CA MET C 249 -1.68 -6.15 19.96
C MET C 249 -1.64 -6.83 18.59
N ASP C 250 -1.58 -8.16 18.58
CA ASP C 250 -1.51 -8.88 17.30
C ASP C 250 -2.81 -8.75 16.53
N LEU C 251 -3.95 -8.71 17.23
CA LEU C 251 -5.22 -8.49 16.55
C LEU C 251 -5.26 -7.09 15.95
N MET C 252 -4.72 -6.11 16.66
CA MET C 252 -4.65 -4.75 16.12
C MET C 252 -3.71 -4.67 14.93
N ASP C 253 -2.59 -5.42 14.96
CA ASP C 253 -1.72 -5.47 13.80
C ASP C 253 -2.40 -6.13 12.60
N LEU C 254 -3.15 -7.20 12.85
CA LEU C 254 -3.90 -7.84 11.78
C LEU C 254 -4.95 -6.91 11.20
N LEU C 255 -5.65 -6.16 12.07
CA LEU C 255 -6.66 -5.24 11.60
C LEU C 255 -6.06 -4.17 10.69
N GLU C 256 -4.87 -3.68 11.03
CA GLU C 256 -4.19 -2.71 10.17
C GLU C 256 -3.86 -3.33 8.82
N THR C 257 -3.42 -4.59 8.81
CA THR C 257 -3.22 -5.28 7.55
C THR C 257 -4.52 -5.36 6.76
N MET C 258 -5.62 -5.67 7.44
CA MET C 258 -6.90 -5.83 6.76
C MET C 258 -7.45 -4.49 6.28
N THR C 259 -7.27 -3.42 7.06
CA THR C 259 -7.66 -2.10 6.57
C THR C 259 -6.83 -1.69 5.36
N ALA C 260 -5.55 -2.05 5.34
CA ALA C 260 -4.70 -1.72 4.20
C ALA C 260 -5.21 -2.39 2.92
N ARG C 261 -5.66 -3.65 3.01
CA ARG C 261 -6.19 -4.31 1.83
CA ARG C 261 -6.19 -4.31 1.83
C ARG C 261 -7.49 -3.67 1.37
N GLU C 262 -8.31 -3.20 2.31
CA GLU C 262 -9.61 -2.61 1.97
C GLU C 262 -9.49 -1.39 1.08
N LYS C 263 -8.35 -0.71 1.07
CA LYS C 263 -8.19 0.40 0.13
C LYS C 263 -8.06 -0.09 -1.31
N HIS C 264 -7.81 -1.39 -1.52
CA HIS C 264 -7.65 -1.96 -2.85
C HIS C 264 -8.79 -2.90 -3.23
N VAL C 265 -9.28 -3.70 -2.28
CA VAL C 265 -10.36 -4.66 -2.52
C VAL C 265 -11.35 -4.54 -1.37
N ASP C 266 -12.64 -4.43 -1.71
CA ASP C 266 -13.71 -4.33 -0.71
C ASP C 266 -14.91 -5.11 -1.25
N SER C 267 -14.95 -6.40 -0.92
CA SER C 267 -15.91 -7.32 -1.53
C SER C 267 -17.06 -7.71 -0.61
N GLY C 268 -17.07 -7.23 0.63
CA GLY C 268 -18.09 -7.63 1.58
C GLY C 268 -19.31 -6.72 1.53
N ILE C 269 -20.49 -7.33 1.64
CA ILE C 269 -21.78 -6.64 1.62
C ILE C 269 -22.61 -7.21 2.76
N LEU C 270 -22.85 -6.40 3.78
CA LEU C 270 -23.66 -6.82 4.92
C LEU C 270 -25.01 -6.12 4.88
N MET C 271 -26.08 -6.91 4.87
CA MET C 271 -27.44 -6.44 5.07
C MET C 271 -27.92 -6.99 6.41
N SER C 272 -27.92 -6.12 7.43
CA SER C 272 -28.27 -6.57 8.77
C SER C 272 -29.77 -6.41 9.00
N GLY C 273 -30.30 -7.26 9.89
CA GLY C 273 -31.70 -7.12 10.28
C GLY C 273 -31.97 -5.92 11.15
N CYS C 274 -30.94 -5.39 11.81
CA CYS C 274 -31.14 -4.30 12.77
C CYS C 274 -29.81 -3.60 12.98
N GLN C 275 -29.84 -2.54 13.78
CA GLN C 275 -28.63 -1.81 14.15
C GLN C 275 -27.81 -2.62 15.16
N ALA C 276 -26.56 -2.19 15.36
CA ALA C 276 -25.71 -2.83 16.36
C ALA C 276 -26.34 -2.81 17.74
N ASP C 277 -27.11 -1.77 18.06
CA ASP C 277 -27.69 -1.64 19.40
C ASP C 277 -29.14 -2.11 19.46
N GLU C 278 -29.61 -2.85 18.46
CA GLU C 278 -31.00 -3.27 18.40
C GLU C 278 -31.11 -4.78 18.43
N THR C 279 -32.35 -5.27 18.51
CA THR C 279 -32.61 -6.68 18.28
C THR C 279 -33.45 -6.82 17.02
N SER C 280 -33.53 -8.05 16.52
CA SER C 280 -34.35 -8.40 15.37
C SER C 280 -35.44 -9.36 15.84
N ALA C 281 -36.66 -9.18 15.31
CA ALA C 281 -37.81 -9.92 15.83
C ALA C 281 -38.01 -11.25 15.12
N ASP C 282 -38.27 -12.29 15.92
CA ASP C 282 -38.85 -13.56 15.47
C ASP C 282 -40.37 -13.44 15.62
N VAL C 283 -41.10 -13.68 14.54
CA VAL C 283 -42.55 -13.43 14.50
C VAL C 283 -43.30 -14.76 14.54
N GLY C 284 -44.25 -14.89 15.47
CA GLY C 284 -45.09 -16.07 15.51
C GLY C 284 -44.75 -17.00 16.66
N VAL C 285 -45.43 -18.15 16.66
N VAL C 285 -45.44 -18.13 16.69
CA VAL C 285 -45.24 -19.17 17.67
CA VAL C 285 -45.52 -18.95 17.90
C VAL C 285 -44.86 -20.47 16.97
C VAL C 285 -44.94 -20.35 17.73
N GLY C 286 -44.46 -21.47 17.76
N GLY C 286 -44.72 -20.84 16.52
CA GLY C 286 -43.99 -22.73 17.24
CA GLY C 286 -44.23 -22.19 16.36
C GLY C 286 -45.03 -23.62 16.59
C GLY C 286 -43.50 -22.38 15.04
N ASN C 287 -45.86 -23.06 15.71
N ASN C 287 -42.78 -23.49 14.95
CA ASN C 287 -46.83 -23.85 14.95
CA ASN C 287 -42.00 -23.78 13.74
C ASN C 287 -46.39 -24.09 13.51
C ASN C 287 -42.89 -23.84 12.50
N GLY C 288 -45.15 -23.71 13.17
N GLY C 288 -44.18 -24.02 12.67
CA GLY C 288 -44.61 -23.92 11.84
CA GLY C 288 -45.11 -24.09 11.57
C GLY C 288 -44.73 -22.74 10.89
C GLY C 288 -45.13 -22.85 10.69
N LYS C 289 -45.44 -21.69 11.27
CA LYS C 289 -45.59 -20.49 10.45
C LYS C 289 -44.78 -19.30 10.94
N ALA C 290 -43.82 -19.50 11.84
CA ALA C 290 -43.02 -18.38 12.32
C ALA C 290 -41.99 -17.97 11.27
N TYR C 291 -41.52 -16.73 11.38
CA TYR C 291 -40.53 -16.21 10.45
C TYR C 291 -39.80 -15.05 11.09
N GLY C 292 -38.62 -14.74 10.54
CA GLY C 292 -37.93 -13.51 10.93
C GLY C 292 -38.61 -12.31 10.27
N ALA C 293 -38.86 -11.26 11.07
CA ALA C 293 -39.52 -10.07 10.51
C ALA C 293 -38.74 -9.51 9.34
N TYR C 294 -37.41 -9.44 9.47
CA TYR C 294 -36.58 -8.89 8.41
C TYR C 294 -36.50 -9.82 7.21
N SER C 295 -36.28 -11.11 7.44
CA SER C 295 -36.24 -12.05 6.32
C SER C 295 -37.55 -12.02 5.55
N ASN C 296 -38.67 -11.92 6.26
CA ASN C 296 -39.97 -11.86 5.61
C ASN C 296 -40.15 -10.54 4.88
N ALA C 297 -39.64 -9.44 5.45
CA ALA C 297 -39.74 -8.16 4.77
C ALA C 297 -38.97 -8.19 3.45
N ILE C 298 -37.82 -8.85 3.43
CA ILE C 298 -37.10 -9.04 2.17
C ILE C 298 -37.96 -9.81 1.18
N GLN C 299 -38.60 -10.89 1.64
CA GLN C 299 -39.49 -11.64 0.76
C GLN C 299 -40.61 -10.77 0.20
N ARG C 300 -41.19 -9.91 1.04
CA ARG C 300 -42.26 -9.03 0.56
C ARG C 300 -41.74 -8.05 -0.49
N VAL C 301 -40.57 -7.45 -0.26
CA VAL C 301 -40.02 -6.51 -1.23
C VAL C 301 -39.77 -7.21 -2.57
N LEU C 302 -39.18 -8.41 -2.52
CA LEU C 302 -38.91 -9.15 -3.75
C LEU C 302 -40.20 -9.50 -4.48
N ASN C 303 -41.26 -9.84 -3.73
CA ASN C 303 -42.53 -10.17 -4.36
C ASN C 303 -43.15 -8.97 -5.04
N GLU C 304 -42.95 -7.76 -4.49
CA GLU C 304 -43.51 -6.56 -5.09
C GLU C 304 -42.65 -6.00 -6.21
N ASN C 305 -41.40 -6.45 -6.31
CA ASN C 305 -40.41 -5.90 -7.24
C ASN C 305 -39.73 -7.07 -7.94
N GLU C 306 -40.27 -7.46 -9.10
CA GLU C 306 -39.73 -8.61 -9.81
C GLU C 306 -38.41 -8.29 -10.51
N GLY C 307 -38.18 -7.02 -10.86
CA GLY C 307 -36.96 -6.62 -11.53
C GLY C 307 -35.76 -6.60 -10.60
N ALA C 308 -34.59 -6.45 -11.23
CA ALA C 308 -33.34 -6.34 -10.48
C ALA C 308 -33.32 -5.07 -9.64
N MET C 309 -32.78 -5.18 -8.43
CA MET C 309 -32.75 -4.10 -7.47
C MET C 309 -31.32 -3.84 -7.02
N LYS C 310 -30.97 -2.57 -6.84
CA LYS C 310 -29.70 -2.26 -6.18
C LYS C 310 -29.72 -2.72 -4.73
N ASN C 311 -28.54 -3.03 -4.20
CA ASN C 311 -28.43 -3.43 -2.80
C ASN C 311 -29.02 -2.36 -1.89
N LYS C 312 -28.70 -1.08 -2.14
CA LYS C 312 -29.22 -0.05 -1.25
C LYS C 312 -30.73 0.08 -1.38
N GLN C 313 -31.28 -0.14 -2.57
CA GLN C 313 -32.73 -0.06 -2.74
C GLN C 313 -33.45 -1.17 -1.99
N LEU C 314 -32.90 -2.39 -2.04
CA LEU C 314 -33.52 -3.50 -1.30
C LEU C 314 -33.55 -3.20 0.20
N VAL C 315 -32.43 -2.71 0.74
CA VAL C 315 -32.38 -2.40 2.18
C VAL C 315 -33.35 -1.27 2.52
N MET C 316 -33.33 -0.20 1.71
N MET C 316 -33.36 -0.21 1.70
CA MET C 316 -34.24 0.92 1.94
CA MET C 316 -34.25 0.92 1.98
C MET C 316 -35.69 0.46 1.96
C MET C 316 -35.71 0.49 1.94
N MET C 317 -36.07 -0.40 1.01
CA MET C 317 -37.45 -0.83 0.91
C MET C 317 -37.82 -1.81 2.02
N ALA C 318 -36.88 -2.64 2.46
CA ALA C 318 -37.13 -3.48 3.62
C ALA C 318 -37.29 -2.65 4.89
N ARG C 319 -36.50 -1.57 5.02
CA ARG C 319 -36.69 -0.65 6.14
C ARG C 319 -38.09 -0.05 6.11
N ASP C 320 -38.56 0.36 4.93
CA ASP C 320 -39.88 0.96 4.82
C ASP C 320 -40.97 -0.03 5.17
N VAL C 321 -40.82 -1.29 4.74
CA VAL C 321 -41.82 -2.31 5.04
C VAL C 321 -41.92 -2.52 6.56
N LEU C 322 -40.78 -2.69 7.21
CA LEU C 322 -40.77 -2.95 8.66
C LEU C 322 -41.35 -1.78 9.44
N GLU C 323 -41.01 -0.55 9.04
CA GLU C 323 -41.58 0.61 9.72
C GLU C 323 -43.10 0.66 9.54
N ARG C 324 -43.56 0.40 8.31
CA ARG C 324 -44.99 0.41 8.01
C ARG C 324 -45.74 -0.62 8.85
N LEU C 325 -45.12 -1.77 9.07
CA LEU C 325 -45.74 -2.87 9.81
C LEU C 325 -45.57 -2.74 11.31
N GLY C 326 -44.93 -1.69 11.79
CA GLY C 326 -44.84 -1.42 13.21
C GLY C 326 -43.73 -2.11 13.94
N PHE C 327 -42.73 -2.64 13.23
CA PHE C 327 -41.57 -3.20 13.89
C PHE C 327 -40.58 -2.06 14.18
N HIS C 328 -39.83 -2.22 15.27
CA HIS C 328 -38.95 -1.15 15.72
C HIS C 328 -37.52 -1.26 15.18
N GLN C 329 -37.13 -2.41 14.63
CA GLN C 329 -35.76 -2.62 14.18
C GLN C 329 -35.49 -1.88 12.87
N HIS C 330 -34.25 -1.46 12.68
CA HIS C 330 -33.84 -0.72 11.49
C HIS C 330 -32.75 -1.46 10.74
N PRO C 331 -33.08 -2.15 9.65
CA PRO C 331 -32.05 -2.84 8.87
C PRO C 331 -31.01 -1.86 8.33
N CYS C 332 -29.76 -2.33 8.27
CA CYS C 332 -28.64 -1.51 7.85
C CYS C 332 -27.88 -2.16 6.70
N LEU C 333 -27.12 -1.34 5.99
CA LEU C 333 -26.31 -1.78 4.86
C LEU C 333 -24.88 -1.33 5.09
N TYR C 334 -23.93 -2.25 4.95
CA TYR C 334 -22.50 -1.97 5.04
C TYR C 334 -21.81 -2.55 3.82
N CYS C 335 -21.17 -1.68 3.02
CA CYS C 335 -20.42 -2.10 1.84
C CYS C 335 -19.74 -0.88 1.22
N SER C 336 -18.97 -1.11 0.15
CA SER C 336 -18.35 -0.03 -0.57
C SER C 336 -19.41 0.77 -1.34
N ASP C 337 -19.05 2.00 -1.72
CA ASP C 337 -19.92 2.80 -2.57
C ASP C 337 -20.30 2.05 -3.84
N GLN C 338 -19.34 1.32 -4.41
CA GLN C 338 -19.59 0.58 -5.65
C GLN C 338 -20.65 -0.50 -5.42
N ASN C 339 -20.49 -1.27 -4.34
CA ASN C 339 -21.43 -2.34 -4.09
C ASN C 339 -22.79 -1.85 -3.62
N ALA C 340 -22.88 -0.62 -3.09
CA ALA C 340 -24.19 -0.09 -2.73
C ALA C 340 -25.07 0.04 -3.95
N ASP C 341 -24.49 0.35 -5.10
CA ASP C 341 -25.21 0.49 -6.36
C ASP C 341 -25.26 -0.80 -7.16
N ALA C 342 -24.59 -1.85 -6.71
CA ALA C 342 -24.60 -3.08 -7.48
C ALA C 342 -25.93 -3.81 -7.32
N THR C 343 -26.25 -4.63 -8.30
CA THR C 343 -27.49 -5.40 -8.28
C THR C 343 -27.42 -6.47 -7.22
N PHE C 344 -28.50 -6.60 -6.43
CA PHE C 344 -28.57 -7.61 -5.39
C PHE C 344 -28.38 -9.00 -5.98
N LEU C 345 -27.34 -9.69 -5.52
CA LEU C 345 -27.00 -11.05 -5.97
C LEU C 345 -26.83 -11.14 -7.48
N SER C 346 -26.50 -10.01 -8.14
CA SER C 346 -26.26 -9.96 -9.59
C SER C 346 -27.36 -10.67 -10.37
N GLN C 347 -28.61 -10.37 -10.01
CA GLN C 347 -29.76 -11.00 -10.64
C GLN C 347 -29.67 -10.88 -12.15
N PRO C 348 -29.81 -11.99 -12.90
CA PRO C 348 -29.71 -12.05 -14.36
C PRO C 348 -30.77 -11.22 -15.07
N VAL D 30 17.59 12.40 16.77
CA VAL D 30 17.77 12.29 15.32
C VAL D 30 16.43 12.53 14.63
N LYS D 31 15.43 12.91 15.43
CA LYS D 31 14.07 13.16 14.97
C LYS D 31 13.79 14.66 15.04
N LYS D 32 13.17 15.20 13.99
CA LYS D 32 12.88 16.62 13.93
C LYS D 32 11.45 16.90 14.37
N ARG D 33 11.28 18.00 15.10
CA ARG D 33 9.99 18.48 15.56
C ARG D 33 9.86 19.91 15.06
N LEU D 34 9.03 20.10 14.03
CA LEU D 34 8.90 21.39 13.36
C LEU D 34 7.47 21.88 13.54
N ALA D 35 7.31 23.20 13.68
CA ALA D 35 5.99 23.77 13.89
C ALA D 35 5.83 25.06 13.11
N VAL D 36 4.61 25.25 12.61
CA VAL D 36 4.15 26.51 12.03
C VAL D 36 2.90 26.89 12.79
N LEU D 37 2.91 28.08 13.40
CA LEU D 37 1.81 28.54 14.23
C LEU D 37 1.27 29.83 13.64
N VAL D 38 -0.02 29.82 13.27
CA VAL D 38 -0.64 30.94 12.57
C VAL D 38 -1.82 31.43 13.40
N GLY D 39 -1.85 32.73 13.65
CA GLY D 39 -2.99 33.37 14.30
C GLY D 39 -3.36 34.64 13.59
N CYS D 40 -4.63 34.76 13.20
CA CYS D 40 -5.15 35.94 12.50
C CYS D 40 -6.23 36.57 13.37
N ASN D 41 -5.95 37.77 13.90
CA ASN D 41 -6.97 38.56 14.58
C ASN D 41 -7.62 39.58 13.66
N TYR D 42 -7.07 39.82 12.47
CA TYR D 42 -7.56 40.84 11.55
C TYR D 42 -7.80 42.16 12.31
N PRO D 43 -6.81 42.65 13.05
CA PRO D 43 -7.07 43.78 13.97
C PRO D 43 -7.40 45.07 13.24
N ASN D 44 -8.28 45.85 13.86
CA ASN D 44 -8.72 47.14 13.33
C ASN D 44 -9.29 47.01 11.92
N THR D 45 -10.05 45.93 11.70
CA THR D 45 -10.82 45.71 10.48
C THR D 45 -12.25 45.33 10.88
N ARG D 46 -13.10 45.15 9.88
CA ARG D 46 -14.50 44.78 10.12
C ARG D 46 -14.69 43.31 10.49
N ASN D 47 -13.65 42.49 10.40
CA ASN D 47 -13.72 41.06 10.66
C ASN D 47 -12.81 40.69 11.82
N GLU D 48 -12.69 41.59 12.80
CA GLU D 48 -11.72 41.44 13.87
C GLU D 48 -12.09 40.28 14.78
N LEU D 49 -11.09 39.51 15.18
CA LEU D 49 -11.19 38.51 16.23
C LEU D 49 -10.24 38.91 17.35
N HIS D 50 -10.39 38.28 18.52
CA HIS D 50 -9.59 38.72 19.65
C HIS D 50 -8.73 37.63 20.29
N GLY D 51 -9.02 36.35 20.05
CA GLY D 51 -8.33 35.29 20.76
C GLY D 51 -7.29 34.51 19.97
N CYS D 52 -7.12 34.81 18.68
CA CYS D 52 -6.33 33.93 17.81
C CYS D 52 -4.84 34.01 18.12
N ILE D 53 -4.31 35.22 18.33
CA ILE D 53 -2.90 35.33 18.63
C ILE D 53 -2.60 34.75 20.02
N ASN D 54 -3.52 34.90 20.97
CA ASN D 54 -3.35 34.28 22.28
C ASN D 54 -3.29 32.77 22.17
N ASP D 55 -4.10 32.18 21.28
CA ASP D 55 -4.03 30.74 21.03
C ASP D 55 -2.63 30.33 20.58
N VAL D 56 -2.04 31.10 19.65
CA VAL D 56 -0.71 30.80 19.15
C VAL D 56 0.32 30.86 20.27
N LEU D 57 0.24 31.91 21.09
CA LEU D 57 1.21 32.09 22.16
C LEU D 57 1.10 31.00 23.21
N ALA D 58 -0.13 30.59 23.52
CA ALA D 58 -0.33 29.52 24.50
C ALA D 58 0.19 28.17 23.97
N MET D 59 -0.13 27.84 22.72
CA MET D 59 0.32 26.57 22.17
C MET D 59 1.83 26.54 21.97
N LYS D 60 2.44 27.69 21.66
CA LYS D 60 3.89 27.74 21.53
C LYS D 60 4.57 27.36 22.84
N GLU D 61 4.09 27.90 23.96
CA GLU D 61 4.66 27.56 25.25
C GLU D 61 4.45 26.08 25.57
N THR D 62 3.30 25.53 25.15
CA THR D 62 3.01 24.12 25.42
C THR D 62 4.00 23.21 24.71
N ILE D 63 4.22 23.42 23.41
CA ILE D 63 5.08 22.51 22.67
C ILE D 63 6.54 22.70 23.07
N LEU D 64 6.90 23.89 23.54
CA LEU D 64 8.25 24.11 24.05
C LEU D 64 8.48 23.36 25.36
N SER D 65 7.49 23.38 26.25
CA SER D 65 7.69 22.82 27.60
C SER D 65 7.35 21.34 27.66
N ARG D 66 6.28 20.90 27.00
CA ARG D 66 5.80 19.53 27.14
C ARG D 66 6.21 18.61 26.00
N PHE D 67 6.27 19.10 24.76
CA PHE D 67 6.39 18.21 23.61
C PHE D 67 7.76 18.27 22.93
N GLY D 68 8.74 18.92 23.54
CA GLY D 68 10.11 18.81 23.09
C GLY D 68 10.46 19.57 21.84
N PHE D 69 9.62 20.52 21.42
CA PHE D 69 9.96 21.37 20.29
C PHE D 69 11.02 22.39 20.70
N LYS D 70 11.86 22.77 19.75
CA LYS D 70 12.91 23.75 19.99
C LYS D 70 12.56 25.08 19.35
N GLN D 71 13.05 26.17 19.97
CA GLN D 71 12.67 27.51 19.56
C GLN D 71 12.99 27.78 18.10
N ASP D 72 14.17 27.35 17.64
CA ASP D 72 14.56 27.63 16.27
C ASP D 72 13.83 26.78 15.24
N ASP D 73 12.99 25.83 15.68
CA ASP D 73 12.19 25.03 14.77
C ASP D 73 10.71 25.44 14.75
N ILE D 74 10.39 26.62 15.26
CA ILE D 74 9.01 27.09 15.32
C ILE D 74 8.91 28.41 14.57
N GLU D 75 8.08 28.44 13.53
CA GLU D 75 7.76 29.67 12.82
C GLU D 75 6.38 30.14 13.24
N VAL D 76 6.30 31.41 13.67
CA VAL D 76 5.06 32.04 14.11
C VAL D 76 4.69 33.13 13.11
N LEU D 77 3.44 33.10 12.64
CA LEU D 77 2.92 34.10 11.72
C LEU D 77 1.64 34.66 12.31
N THR D 78 1.69 35.90 12.80
CA THR D 78 0.55 36.57 13.37
C THR D 78 0.43 37.96 12.77
N ASP D 79 -0.78 38.52 12.80
CA ASP D 79 -1.07 39.76 12.09
C ASP D 79 -1.28 40.95 13.01
N GLU D 80 -0.64 40.95 14.18
CA GLU D 80 -0.60 42.16 14.97
C GLU D 80 0.13 43.25 14.19
N PRO D 81 -0.28 44.52 14.34
CA PRO D 81 0.18 45.57 13.41
C PRO D 81 1.69 45.67 13.24
N GLU D 82 2.46 45.40 14.29
CA GLU D 82 3.91 45.52 14.25
C GLU D 82 4.62 44.24 13.83
N SER D 83 3.88 43.20 13.42
CA SER D 83 4.51 41.92 13.10
C SER D 83 5.43 42.04 11.89
N LYS D 84 6.50 41.26 11.91
CA LYS D 84 7.49 41.28 10.83
C LYS D 84 7.11 40.36 9.67
N VAL D 85 6.42 39.25 9.94
CA VAL D 85 5.99 38.32 8.90
C VAL D 85 4.50 38.08 9.12
N LYS D 86 3.68 38.64 8.23
CA LYS D 86 2.23 38.55 8.33
C LYS D 86 1.73 37.22 7.78
N PRO D 87 0.67 36.66 8.36
CA PRO D 87 0.16 35.37 7.87
C PRO D 87 -0.67 35.52 6.59
N THR D 88 -0.04 36.01 5.54
CA THR D 88 -0.64 36.00 4.22
C THR D 88 -0.68 34.57 3.68
N GLY D 89 -1.54 34.36 2.68
CA GLY D 89 -1.63 33.04 2.06
C GLY D 89 -0.29 32.53 1.55
N ALA D 90 0.48 33.41 0.90
CA ALA D 90 1.78 33.00 0.39
C ALA D 90 2.74 32.66 1.53
N ASN D 91 2.74 33.45 2.60
CA ASN D 91 3.65 33.20 3.71
C ASN D 91 3.29 31.93 4.45
N ILE D 92 1.99 31.67 4.65
CA ILE D 92 1.57 30.44 5.33
C ILE D 92 1.99 29.23 4.51
N LYS D 93 1.63 29.20 3.22
CA LYS D 93 1.95 28.04 2.40
C LYS D 93 3.45 27.87 2.22
N ALA D 94 4.22 28.97 2.19
CA ALA D 94 5.67 28.83 2.10
C ALA D 94 6.24 28.24 3.38
N ALA D 95 5.74 28.70 4.54
CA ALA D 95 6.19 28.14 5.81
C ALA D 95 5.85 26.67 5.91
N LEU D 96 4.66 26.28 5.42
CA LEU D 96 4.30 24.86 5.44
C LEU D 96 5.16 24.06 4.46
N ARG D 97 5.47 24.63 3.30
CA ARG D 97 6.27 23.92 2.31
C ARG D 97 7.68 23.65 2.83
N ARG D 98 8.27 24.62 3.53
CA ARG D 98 9.59 24.40 4.13
C ARG D 98 9.56 23.25 5.12
N MET D 99 8.47 23.12 5.89
CA MET D 99 8.33 22.02 6.83
C MET D 99 8.19 20.68 6.12
N VAL D 100 7.22 20.60 5.20
CA VAL D 100 6.85 19.33 4.61
C VAL D 100 7.97 18.73 3.77
N ASP D 101 8.76 19.58 3.11
CA ASP D 101 9.89 19.06 2.34
C ASP D 101 11.05 18.61 3.21
N LYS D 102 11.14 19.07 4.47
CA LYS D 102 12.28 18.64 5.30
C LYS D 102 12.04 17.29 5.96
N ALA D 103 10.79 16.85 6.04
CA ALA D 103 10.52 15.55 6.64
C ALA D 103 11.17 14.47 5.79
N GLN D 104 11.76 13.48 6.46
CA GLN D 104 12.54 12.45 5.79
C GLN D 104 11.89 11.10 6.04
N ALA D 105 11.94 10.23 5.02
CA ALA D 105 11.36 8.91 5.12
C ALA D 105 12.02 8.11 6.24
N GLY D 106 11.20 7.36 6.98
CA GLY D 106 11.67 6.51 8.05
C GLY D 106 12.23 7.24 9.26
N SER D 107 12.22 8.56 9.27
CA SER D 107 12.78 9.33 10.37
C SER D 107 11.81 9.50 11.53
N GLY D 108 10.51 9.43 11.26
CA GLY D 108 9.54 9.72 12.29
C GLY D 108 9.42 11.18 12.65
N ASP D 109 9.77 12.07 11.73
CA ASP D 109 9.72 13.50 11.99
C ASP D 109 8.31 13.94 12.38
N ILE D 110 8.25 14.93 13.26
CA ILE D 110 6.98 15.43 13.81
C ILE D 110 6.76 16.82 13.24
N LEU D 111 5.67 16.98 12.47
CA LEU D 111 5.29 18.25 11.89
C LEU D 111 4.00 18.73 12.52
N PHE D 112 3.94 20.01 12.87
CA PHE D 112 2.78 20.53 13.60
C PHE D 112 2.36 21.87 13.01
N PHE D 113 1.06 22.02 12.78
CA PHE D 113 0.49 23.26 12.24
C PHE D 113 -0.70 23.64 13.10
N HIS D 114 -0.63 24.82 13.72
CA HIS D 114 -1.76 25.41 14.41
C HIS D 114 -2.25 26.61 13.62
N TYR D 115 -3.56 26.66 13.40
CA TYR D 115 -4.22 27.82 12.81
C TYR D 115 -5.36 28.26 13.72
N SER D 116 -5.35 29.54 14.09
CA SER D 116 -6.51 30.20 14.70
C SER D 116 -6.85 31.41 13.85
N GLY D 117 -8.07 31.45 13.36
CA GLY D 117 -8.52 32.56 12.53
C GLY D 117 -9.85 32.23 11.91
N HIS D 118 -10.22 33.01 10.90
CA HIS D 118 -11.50 32.78 10.25
C HIS D 118 -11.43 31.58 9.32
N GLY D 119 -12.56 30.88 9.22
CA GLY D 119 -12.74 29.84 8.23
C GLY D 119 -13.97 30.16 7.39
N THR D 120 -14.06 29.56 6.20
CA THR D 120 -15.18 29.82 5.31
C THR D 120 -15.44 28.56 4.49
N ARG D 121 -16.56 28.57 3.77
CA ARG D 121 -16.92 27.48 2.88
C ARG D 121 -17.11 28.01 1.47
N ILE D 122 -16.51 27.32 0.51
CA ILE D 122 -16.55 27.65 -0.92
C ILE D 122 -17.36 26.57 -1.62
N PRO D 123 -18.32 26.93 -2.49
CA PRO D 123 -19.06 25.88 -3.20
C PRO D 123 -18.13 25.08 -4.11
N SER D 124 -18.27 23.75 -4.06
CA SER D 124 -17.29 22.88 -4.68
C SER D 124 -17.34 22.93 -6.19
N VAL D 125 -18.54 22.94 -6.77
CA VAL D 125 -18.69 22.97 -8.22
C VAL D 125 -19.55 24.17 -8.63
N LYS D 132 -22.36 20.24 -2.61
CA LYS D 132 -21.15 20.06 -1.79
C LYS D 132 -20.32 21.34 -1.75
N GLN D 133 -19.71 21.59 -0.59
CA GLN D 133 -18.86 22.75 -0.39
C GLN D 133 -17.46 22.31 0.00
N ASP D 134 -16.48 23.19 -0.22
CA ASP D 134 -15.11 22.96 0.17
C ASP D 134 -14.80 23.85 1.37
N GLU D 135 -13.98 23.35 2.28
CA GLU D 135 -13.62 24.11 3.48
C GLU D 135 -12.33 24.88 3.22
N ALA D 136 -12.20 26.03 3.89
CA ALA D 136 -11.03 26.89 3.70
C ALA D 136 -10.70 27.64 4.97
N ILE D 137 -9.43 28.03 5.10
CA ILE D 137 -9.01 29.01 6.09
C ILE D 137 -8.78 30.34 5.37
N VAL D 138 -8.83 31.42 6.13
CA VAL D 138 -8.79 32.78 5.59
C VAL D 138 -7.53 33.48 6.10
N PRO D 139 -6.45 33.49 5.31
CA PRO D 139 -5.27 34.28 5.68
C PRO D 139 -5.61 35.76 5.74
N CYS D 140 -4.69 36.53 6.35
CA CYS D 140 -4.97 37.94 6.60
C CYS D 140 -5.16 38.75 5.33
N ASP D 141 -4.66 38.26 4.18
CA ASP D 141 -4.89 38.93 2.91
C ASP D 141 -6.02 38.28 2.10
N PHE D 142 -6.78 37.36 2.71
CA PHE D 142 -7.89 36.67 2.08
C PHE D 142 -7.47 35.77 0.93
N ASN D 143 -6.20 35.38 0.86
CA ASN D 143 -5.74 34.42 -0.15
C ASN D 143 -6.08 33.01 0.35
N LEU D 144 -7.29 32.56 0.06
CA LEU D 144 -7.84 31.36 0.68
C LEU D 144 -6.97 30.13 0.45
N ILE D 145 -6.83 29.32 1.49
CA ILE D 145 -6.21 27.99 1.42
C ILE D 145 -7.30 26.97 1.71
N THR D 146 -7.57 26.07 0.77
CA THR D 146 -8.73 25.20 0.85
C THR D 146 -8.31 23.76 1.14
N ASP D 147 -9.32 22.89 1.25
CA ASP D 147 -9.07 21.51 1.66
C ASP D 147 -8.26 20.74 0.63
N VAL D 148 -8.33 21.11 -0.65
CA VAL D 148 -7.52 20.43 -1.64
C VAL D 148 -6.05 20.83 -1.48
N ASP D 149 -5.79 22.07 -1.07
CA ASP D 149 -4.42 22.50 -0.83
C ASP D 149 -3.75 21.72 0.29
N PHE D 150 -4.47 21.48 1.38
CA PHE D 150 -3.87 20.73 2.48
C PHE D 150 -3.71 19.25 2.13
N ARG D 151 -4.64 18.70 1.34
CA ARG D 151 -4.45 17.33 0.87
C ARG D 151 -3.20 17.21 0.00
N GLU D 152 -2.99 18.18 -0.89
CA GLU D 152 -1.77 18.15 -1.68
C GLU D 152 -0.54 18.28 -0.79
N LEU D 153 -0.64 19.07 0.27
CA LEU D 153 0.49 19.25 1.18
C LEU D 153 0.83 17.95 1.90
N VAL D 154 -0.16 17.30 2.51
CA VAL D 154 0.13 16.07 3.24
C VAL D 154 0.54 14.95 2.31
N ASN D 155 0.16 15.03 1.03
CA ASN D 155 0.60 14.03 0.06
C ASN D 155 2.06 14.19 -0.33
N GLN D 156 2.70 15.30 0.04
CA GLN D 156 4.13 15.49 -0.20
C GLN D 156 5.00 14.81 0.84
N LEU D 157 4.42 14.36 1.96
CA LEU D 157 5.12 13.80 3.10
C LEU D 157 5.39 12.32 2.89
N PRO D 158 6.58 11.85 3.27
CA PRO D 158 6.87 10.42 3.16
C PRO D 158 6.26 9.63 4.30
N LYS D 159 6.21 8.32 4.10
CA LYS D 159 5.75 7.41 5.13
C LYS D 159 6.66 7.51 6.35
N GLY D 160 6.07 7.31 7.53
CA GLY D 160 6.78 7.38 8.78
C GLY D 160 6.72 8.73 9.47
N THR D 161 6.37 9.79 8.76
CA THR D 161 6.25 11.11 9.34
C THR D 161 4.80 11.43 9.64
N SER D 162 4.59 12.42 10.50
CA SER D 162 3.24 12.82 10.88
C SER D 162 3.10 14.32 10.75
N PHE D 163 1.96 14.74 10.21
CA PHE D 163 1.59 16.14 10.11
C PHE D 163 0.32 16.33 10.92
N THR D 164 0.46 16.96 12.09
CA THR D 164 -0.67 17.21 12.98
C THR D 164 -1.12 18.65 12.79
N MET D 165 -2.38 18.82 12.41
CA MET D 165 -2.95 20.13 12.14
C MET D 165 -4.10 20.38 13.10
N ILE D 166 -3.98 21.44 13.89
CA ILE D 166 -5.06 21.91 14.76
C ILE D 166 -5.57 23.21 14.15
N SER D 167 -6.83 23.20 13.72
CA SER D 167 -7.41 24.37 13.05
C SER D 167 -8.60 24.85 13.87
N ASP D 168 -8.37 25.91 14.65
CA ASP D 168 -9.42 26.51 15.49
C ASP D 168 -10.09 27.60 14.67
N SER D 169 -11.01 27.18 13.81
CA SER D 169 -11.65 28.05 12.84
C SER D 169 -12.98 27.43 12.43
N ALA D 170 -13.88 28.25 11.91
CA ALA D 170 -15.17 27.71 11.49
C ALA D 170 -14.96 26.79 10.29
N HIS D 171 -15.87 25.82 10.15
CA HIS D 171 -15.88 24.90 9.01
C HIS D 171 -14.54 24.17 8.88
N SER D 172 -13.89 23.86 10.00
CA SER D 172 -12.56 23.27 9.97
C SER D 172 -12.58 21.76 9.79
N GLY D 173 -13.70 21.10 10.12
CA GLY D 173 -13.84 19.69 9.83
C GLY D 173 -13.76 19.41 8.34
N GLY D 174 -12.85 18.52 7.94
CA GLY D 174 -12.67 18.21 6.54
C GLY D 174 -11.61 19.03 5.83
N LEU D 175 -10.83 19.85 6.57
CA LEU D 175 -9.84 20.70 5.92
C LEU D 175 -8.72 19.92 5.23
N ILE D 176 -8.51 18.65 5.58
CA ILE D 176 -7.60 17.79 4.83
C ILE D 176 -8.49 16.86 4.02
N ASP D 177 -8.65 17.20 2.74
CA ASP D 177 -9.60 16.52 1.88
C ASP D 177 -9.37 15.01 1.88
N LYS D 178 -10.45 14.25 2.04
CA LYS D 178 -10.50 12.79 1.98
C LYS D 178 -9.83 12.11 3.17
N GLU D 179 -9.38 12.85 4.17
CA GLU D 179 -8.84 12.22 5.36
C GLU D 179 -9.95 11.51 6.13
N LYS D 180 -9.72 10.25 6.51
CA LYS D 180 -10.76 9.44 7.13
C LYS D 180 -11.25 10.06 8.43
N GLU D 181 -12.57 10.17 8.57
CA GLU D 181 -13.15 10.70 9.79
C GLU D 181 -13.09 9.63 10.87
N GLN D 182 -12.45 9.96 11.99
CA GLN D 182 -12.37 9.06 13.15
C GLN D 182 -13.32 9.48 14.27
N ILE D 183 -13.45 10.77 14.50
CA ILE D 183 -14.42 11.32 15.44
C ILE D 183 -15.17 12.42 14.71
N GLY D 184 -16.49 12.28 14.63
CA GLY D 184 -17.31 13.24 13.92
C GLY D 184 -18.73 12.76 13.75
N PRO D 185 -19.50 13.45 12.91
CA PRO D 185 -20.93 13.10 12.76
C PRO D 185 -21.15 11.68 12.26
N SER D 186 -20.27 11.16 11.40
CA SER D 186 -20.41 9.82 10.85
C SER D 186 -19.60 8.85 11.71
N SER D 187 -20.19 8.46 12.83
CA SER D 187 -19.52 7.57 13.77
C SER D 187 -20.46 6.47 14.25
N ILE D 196 -25.76 21.49 28.98
CA ILE D 196 -26.82 21.58 27.99
C ILE D 196 -27.17 23.06 27.72
N GLU D 197 -27.11 23.89 28.76
CA GLU D 197 -27.36 25.31 28.59
C GLU D 197 -26.21 25.96 27.84
N THR D 198 -26.53 26.87 26.92
CA THR D 198 -25.53 27.60 26.19
C THR D 198 -24.59 28.33 27.15
N THR D 199 -23.31 28.42 26.76
CA THR D 199 -22.31 29.15 27.53
C THR D 199 -22.78 30.58 27.82
N ASN D 200 -22.41 31.07 28.99
CA ASN D 200 -22.65 32.47 29.32
C ASN D 200 -21.54 33.39 28.84
N LYS D 201 -20.45 32.85 28.30
CA LYS D 201 -19.34 33.66 27.85
C LYS D 201 -19.75 34.53 26.65
N THR D 202 -19.05 35.65 26.48
CA THR D 202 -19.21 36.48 25.30
C THR D 202 -18.44 35.84 24.15
N ILE D 203 -19.14 35.53 23.04
CA ILE D 203 -18.52 34.75 21.97
C ILE D 203 -18.70 35.43 20.62
N THR D 204 -17.74 35.18 19.74
CA THR D 204 -17.73 35.70 18.37
C THR D 204 -17.40 34.55 17.44
N SER D 205 -18.19 34.40 16.37
CA SER D 205 -17.98 33.32 15.42
C SER D 205 -16.69 33.54 14.62
N ARG D 206 -15.91 32.46 14.45
CA ARG D 206 -14.74 32.48 13.60
C ARG D 206 -15.05 32.04 12.17
N ALA D 207 -16.23 32.40 11.68
CA ALA D 207 -16.68 32.16 10.31
C ALA D 207 -16.81 33.47 9.55
N LEU D 208 -16.31 33.50 8.33
CA LEU D 208 -16.64 34.58 7.41
C LEU D 208 -17.60 34.04 6.35
N PRO D 209 -18.78 34.63 6.19
CA PRO D 209 -19.68 34.17 5.12
C PRO D 209 -19.00 34.30 3.77
N PHE D 210 -19.40 33.42 2.84
CA PHE D 210 -18.85 33.46 1.49
C PHE D 210 -19.00 34.86 0.88
N LYS D 211 -20.16 35.49 1.08
CA LYS D 211 -20.40 36.81 0.52
C LYS D 211 -19.40 37.83 1.06
N ALA D 212 -19.06 37.73 2.35
CA ALA D 212 -18.08 38.66 2.91
C ALA D 212 -16.70 38.48 2.27
N VAL D 213 -16.28 37.22 2.08
CA VAL D 213 -15.00 36.98 1.44
C VAL D 213 -15.03 37.48 -0.01
N LEU D 214 -16.11 37.16 -0.73
CA LEU D 214 -16.23 37.58 -2.12
C LEU D 214 -16.24 39.10 -2.23
N ASP D 215 -16.98 39.78 -1.35
CA ASP D 215 -17.04 41.24 -1.40
C ASP D 215 -15.69 41.86 -1.13
N HIS D 216 -14.94 41.31 -0.16
CA HIS D 216 -13.61 41.81 0.11
C HIS D 216 -12.73 41.71 -1.14
N LEU D 217 -12.77 40.55 -1.79
CA LEU D 217 -11.97 40.36 -3.01
C LEU D 217 -12.49 41.19 -4.18
N SER D 218 -13.82 41.20 -4.38
CA SER D 218 -14.38 41.98 -5.49
C SER D 218 -14.11 43.46 -5.32
N SER D 219 -13.99 43.93 -4.08
CA SER D 219 -13.62 45.32 -3.85
C SER D 219 -12.21 45.61 -4.36
N LEU D 220 -11.33 44.61 -4.33
CA LEU D 220 -9.96 44.80 -4.79
C LEU D 220 -9.78 44.59 -6.29
N THR D 221 -10.58 43.72 -6.91
CA THR D 221 -10.44 43.42 -8.33
C THR D 221 -11.36 44.24 -9.22
N GLY D 222 -12.57 44.54 -8.78
CA GLY D 222 -13.53 45.18 -9.65
C GLY D 222 -14.22 44.25 -10.64
N ILE D 223 -13.94 42.95 -10.60
CA ILE D 223 -14.56 42.01 -11.51
C ILE D 223 -15.97 41.72 -11.03
N THR D 224 -16.91 41.62 -11.98
CA THR D 224 -18.32 41.39 -11.64
C THR D 224 -18.68 39.92 -11.85
N THR D 225 -17.93 39.07 -11.16
CA THR D 225 -18.16 37.64 -11.18
C THR D 225 -18.42 37.14 -9.77
N SER D 226 -19.25 36.11 -9.67
CA SER D 226 -19.45 35.40 -8.41
C SER D 226 -18.44 34.27 -8.25
N ASP D 227 -17.55 34.10 -9.22
CA ASP D 227 -16.49 33.09 -9.18
C ASP D 227 -15.35 33.65 -8.35
N ILE D 228 -15.23 33.17 -7.11
CA ILE D 228 -14.18 33.67 -6.23
C ILE D 228 -12.81 33.32 -6.78
N GLY D 229 -12.71 32.23 -7.54
CA GLY D 229 -11.43 31.85 -8.11
C GLY D 229 -10.89 32.89 -9.07
N THR D 230 -11.77 33.54 -9.84
CA THR D 230 -11.34 34.59 -10.75
C THR D 230 -10.67 35.73 -10.00
N HIS D 231 -11.27 36.16 -8.88
CA HIS D 231 -10.67 37.20 -8.06
C HIS D 231 -9.33 36.75 -7.50
N LEU D 232 -9.30 35.52 -6.96
CA LEU D 232 -8.09 35.04 -6.29
C LEU D 232 -6.94 34.88 -7.27
N LEU D 233 -7.21 34.39 -8.48
CA LEU D 233 -6.16 34.26 -9.47
C LEU D 233 -5.65 35.62 -9.92
N GLU D 234 -6.56 36.59 -10.06
CA GLU D 234 -6.15 37.94 -10.45
C GLU D 234 -5.28 38.60 -9.39
N LEU D 235 -5.62 38.41 -8.11
CA LEU D 235 -4.90 39.11 -7.05
C LEU D 235 -3.59 38.43 -6.70
N PHE D 236 -3.57 37.11 -6.70
CA PHE D 236 -2.43 36.39 -6.15
C PHE D 236 -1.71 35.50 -7.16
N GLY D 237 -2.27 35.32 -8.35
CA GLY D 237 -1.53 34.64 -9.41
C GLY D 237 -1.10 33.25 -8.99
N ARG D 238 0.20 33.00 -9.12
CA ARG D 238 0.78 31.71 -8.79
C ARG D 238 0.65 31.39 -7.29
N ASP D 239 0.38 32.39 -6.46
CA ASP D 239 0.15 32.18 -5.03
C ASP D 239 -1.29 31.80 -4.70
N ALA D 240 -2.19 31.82 -5.68
CA ALA D 240 -3.57 31.43 -5.45
C ALA D 240 -3.68 29.93 -5.18
N GLY D 241 -4.80 29.54 -4.56
CA GLY D 241 -5.04 28.15 -4.23
C GLY D 241 -5.17 27.27 -5.47
N LEU D 242 -4.93 25.97 -5.25
CA LEU D 242 -4.93 24.99 -6.34
C LEU D 242 -6.26 24.98 -7.09
N LYS D 243 -7.37 25.01 -6.35
CA LYS D 243 -8.68 24.96 -6.98
C LYS D 243 -8.88 26.11 -7.96
N PHE D 244 -8.23 27.25 -7.73
CA PHE D 244 -8.50 28.46 -8.49
C PHE D 244 -7.51 28.75 -9.60
N ARG D 245 -6.28 28.24 -9.52
CA ARG D 245 -5.31 28.50 -10.57
C ARG D 245 -5.23 27.41 -11.62
N LEU D 246 -5.64 26.18 -11.30
CA LEU D 246 -5.45 25.17 -12.33
C LEU D 246 -6.64 25.12 -13.27
N PRO D 247 -6.40 24.85 -14.56
CA PRO D 247 -7.50 24.52 -15.46
C PRO D 247 -8.23 23.27 -14.98
N ALA D 248 -9.47 23.13 -15.44
CA ALA D 248 -10.32 22.04 -14.97
C ALA D 248 -9.69 20.69 -15.27
N MET D 249 -9.10 20.53 -16.45
CA MET D 249 -8.51 19.26 -16.82
C MET D 249 -7.31 18.90 -15.95
N ASP D 250 -6.49 19.90 -15.61
CA ASP D 250 -5.32 19.63 -14.77
C ASP D 250 -5.74 19.29 -13.34
N LEU D 251 -6.80 19.93 -12.84
CA LEU D 251 -7.30 19.60 -11.51
C LEU D 251 -7.79 18.16 -11.44
N MET D 252 -8.49 17.71 -12.48
CA MET D 252 -8.97 16.34 -12.51
C MET D 252 -7.82 15.34 -12.51
N ASP D 253 -6.76 15.62 -13.28
CA ASP D 253 -5.59 14.75 -13.28
C ASP D 253 -4.93 14.71 -11.90
N LEU D 254 -4.83 15.86 -11.24
CA LEU D 254 -4.22 15.90 -9.91
C LEU D 254 -5.05 15.12 -8.89
N LEU D 255 -6.37 15.24 -8.95
CA LEU D 255 -7.22 14.51 -8.01
C LEU D 255 -7.04 13.00 -8.16
N GLU D 256 -6.92 12.53 -9.40
CA GLU D 256 -6.69 11.10 -9.61
C GLU D 256 -5.34 10.66 -9.06
N THR D 257 -4.31 11.48 -9.28
CA THR D 257 -2.99 11.18 -8.71
C THR D 257 -3.05 11.12 -7.20
N MET D 258 -3.75 12.07 -6.57
CA MET D 258 -3.81 12.08 -5.12
C MET D 258 -4.60 10.89 -4.58
N THR D 259 -5.66 10.48 -5.29
CA THR D 259 -6.40 9.30 -4.87
C THR D 259 -5.53 8.06 -4.90
N ALA D 260 -4.68 7.92 -5.92
CA ALA D 260 -3.76 6.79 -5.99
C ALA D 260 -2.77 6.82 -4.82
N ARG D 261 -2.22 8.00 -4.52
CA ARG D 261 -1.25 8.12 -3.44
C ARG D 261 -1.85 7.75 -2.09
N GLU D 262 -3.10 8.15 -1.85
CA GLU D 262 -3.73 7.92 -0.56
C GLU D 262 -3.88 6.44 -0.22
N LYS D 263 -3.90 5.56 -1.22
CA LYS D 263 -3.91 4.12 -0.96
C LYS D 263 -2.59 3.60 -0.41
N HIS D 264 -1.52 4.39 -0.47
CA HIS D 264 -0.20 3.97 -0.01
C HIS D 264 0.30 4.71 1.22
N VAL D 265 0.01 6.01 1.35
CA VAL D 265 0.52 6.84 2.43
C VAL D 265 -0.62 7.63 3.06
N ASP D 266 -0.65 7.70 4.39
CA ASP D 266 -1.66 8.47 5.12
C ASP D 266 -1.02 9.09 6.36
N SER D 267 -0.41 10.26 6.19
CA SER D 267 0.39 10.88 7.25
C SER D 267 -0.29 12.08 7.91
N GLY D 268 -1.49 12.45 7.47
CA GLY D 268 -2.16 13.64 7.99
C GLY D 268 -3.06 13.36 9.19
N ILE D 269 -3.04 14.29 10.14
CA ILE D 269 -3.85 14.20 11.35
C ILE D 269 -4.49 15.56 11.55
N LEU D 270 -5.81 15.65 11.34
CA LEU D 270 -6.54 16.90 11.50
C LEU D 270 -7.37 16.84 12.78
N MET D 271 -7.15 17.80 13.66
CA MET D 271 -7.97 18.01 14.84
C MET D 271 -8.67 19.35 14.62
N SER D 272 -9.93 19.30 14.20
CA SER D 272 -10.67 20.50 13.86
C SER D 272 -11.41 21.03 15.09
N GLY D 273 -11.63 22.35 15.09
CA GLY D 273 -12.41 22.96 16.16
C GLY D 273 -13.89 22.67 16.10
N CYS D 274 -14.39 22.27 14.95
CA CYS D 274 -15.81 22.06 14.76
C CYS D 274 -16.02 21.19 13.53
N GLN D 275 -17.29 20.85 13.27
CA GLN D 275 -17.64 20.10 12.09
C GLN D 275 -17.53 20.99 10.85
N ALA D 276 -17.58 20.35 9.68
CA ALA D 276 -17.54 21.10 8.43
C ALA D 276 -18.67 22.12 8.34
N ASP D 277 -19.83 21.81 8.93
CA ASP D 277 -21.01 22.65 8.82
C ASP D 277 -21.22 23.53 10.06
N GLU D 278 -20.19 23.70 10.88
CA GLU D 278 -20.29 24.45 12.13
C GLU D 278 -19.34 25.63 12.09
N THR D 279 -19.45 26.48 13.12
CA THR D 279 -18.46 27.50 13.37
C THR D 279 -17.73 27.18 14.67
N SER D 280 -16.60 27.88 14.87
CA SER D 280 -15.80 27.76 16.09
C SER D 280 -15.83 29.10 16.80
N ALA D 281 -15.92 29.06 18.14
CA ALA D 281 -16.16 30.26 18.93
C ALA D 281 -14.85 30.92 19.36
N ASP D 282 -14.79 32.23 19.19
CA ASP D 282 -13.81 33.10 19.83
C ASP D 282 -14.43 33.60 21.13
N VAL D 283 -13.73 33.42 22.25
CA VAL D 283 -14.28 33.70 23.58
C VAL D 283 -13.70 35.02 24.07
N GLY D 284 -14.57 35.95 24.46
CA GLY D 284 -14.18 37.27 24.92
C GLY D 284 -13.48 37.38 26.26
N VAL D 285 -14.16 36.98 27.33
CA VAL D 285 -13.64 37.13 28.69
C VAL D 285 -13.23 38.56 28.98
N GLY D 288 -6.48 40.20 24.56
CA GLY D 288 -6.58 40.51 25.96
C GLY D 288 -7.52 39.58 26.70
N LYS D 289 -6.97 38.48 27.20
CA LYS D 289 -7.66 37.39 27.89
C LYS D 289 -8.61 36.62 26.98
N ALA D 290 -8.74 37.01 25.71
CA ALA D 290 -9.59 36.27 24.79
C ALA D 290 -8.87 35.00 24.31
N TYR D 291 -9.65 34.01 23.88
CA TYR D 291 -9.06 32.75 23.42
C TYR D 291 -10.06 32.02 22.54
N GLY D 292 -9.56 31.10 21.73
CA GLY D 292 -10.43 30.17 21.03
C GLY D 292 -10.96 29.13 22.00
N ALA D 293 -12.28 28.90 21.96
CA ALA D 293 -12.88 27.92 22.85
C ALA D 293 -12.23 26.56 22.68
N TYR D 294 -11.98 26.14 21.44
CA TYR D 294 -11.40 24.83 21.19
C TYR D 294 -9.92 24.80 21.60
N SER D 295 -9.15 25.82 21.21
CA SER D 295 -7.74 25.85 21.60
C SER D 295 -7.59 25.84 23.12
N ASN D 296 -8.47 26.55 23.81
CA ASN D 296 -8.42 26.60 25.27
C ASN D 296 -8.82 25.25 25.88
N ALA D 297 -9.78 24.57 25.26
CA ALA D 297 -10.16 23.25 25.75
C ALA D 297 -8.99 22.28 25.68
N ILE D 298 -8.21 22.34 24.59
CA ILE D 298 -7.00 21.52 24.49
C ILE D 298 -6.05 21.84 25.62
N GLN D 299 -5.85 23.13 25.90
CA GLN D 299 -5.01 23.54 27.02
C GLN D 299 -5.52 22.95 28.34
N ARG D 300 -6.85 22.99 28.56
CA ARG D 300 -7.42 22.47 29.80
C ARG D 300 -7.17 20.98 29.93
N VAL D 301 -7.35 20.22 28.84
CA VAL D 301 -7.12 18.78 28.87
C VAL D 301 -5.65 18.49 29.18
N LEU D 302 -4.74 19.18 28.48
CA LEU D 302 -3.32 18.96 28.69
C LEU D 302 -2.91 19.29 30.12
N ASN D 303 -3.47 20.35 30.69
CA ASN D 303 -3.14 20.72 32.07
C ASN D 303 -3.66 19.69 33.07
N GLU D 304 -4.79 19.05 32.79
CA GLU D 304 -5.37 18.06 33.69
C GLU D 304 -4.79 16.67 33.51
N ASN D 305 -4.10 16.41 32.39
CA ASN D 305 -3.58 15.09 32.05
C ASN D 305 -2.13 15.26 31.61
N GLU D 306 -1.20 15.12 32.55
CA GLU D 306 0.21 15.30 32.23
C GLU D 306 0.79 14.14 31.45
N GLY D 307 0.19 12.95 31.54
CA GLY D 307 0.70 11.82 30.81
C GLY D 307 0.44 11.92 29.33
N ALA D 308 1.10 11.02 28.58
CA ALA D 308 0.93 10.95 27.13
C ALA D 308 -0.47 10.51 26.77
N MET D 309 -1.03 11.14 25.74
CA MET D 309 -2.40 10.86 25.29
C MET D 309 -2.43 10.46 23.82
N LYS D 310 -3.29 9.51 23.51
CA LYS D 310 -3.60 9.20 22.12
C LYS D 310 -4.33 10.36 21.48
N ASN D 311 -4.18 10.49 20.16
CA ASN D 311 -4.87 11.55 19.43
C ASN D 311 -6.37 11.50 19.66
N LYS D 312 -6.97 10.30 19.63
CA LYS D 312 -8.41 10.19 19.82
C LYS D 312 -8.81 10.56 21.24
N GLN D 313 -7.95 10.28 22.21
CA GLN D 313 -8.25 10.61 23.59
C GLN D 313 -8.28 12.12 23.79
N LEU D 314 -7.31 12.83 23.22
CA LEU D 314 -7.27 14.29 23.34
C LEU D 314 -8.52 14.94 22.74
N VAL D 315 -8.91 14.49 21.54
CA VAL D 315 -10.09 15.06 20.89
C VAL D 315 -11.35 14.74 21.68
N MET D 316 -11.51 13.47 22.06
CA MET D 316 -12.68 13.08 22.86
C MET D 316 -12.77 13.88 24.15
N MET D 317 -11.63 14.10 24.81
CA MET D 317 -11.65 14.86 26.05
C MET D 317 -11.88 16.35 25.79
N ALA D 318 -11.37 16.87 24.67
CA ALA D 318 -11.67 18.26 24.32
C ALA D 318 -13.14 18.44 23.98
N ARG D 319 -13.73 17.48 23.27
CA ARG D 319 -15.17 17.52 23.02
C ARG D 319 -15.96 17.53 24.33
N ASP D 320 -15.56 16.70 25.29
CA ASP D 320 -16.27 16.64 26.56
C ASP D 320 -16.18 17.96 27.32
N VAL D 321 -15.00 18.59 27.29
CA VAL D 321 -14.83 19.88 27.96
C VAL D 321 -15.77 20.92 27.36
N LEU D 322 -15.80 21.00 26.02
CA LEU D 322 -16.63 22.00 25.37
C LEU D 322 -18.11 21.75 25.63
N GLU D 323 -18.53 20.48 25.63
CA GLU D 323 -19.92 20.17 25.92
C GLU D 323 -20.29 20.58 27.35
N ARG D 324 -19.42 20.28 28.32
CA ARG D 324 -19.67 20.66 29.70
C ARG D 324 -19.77 22.17 29.85
N LEU D 325 -18.96 22.92 29.11
CA LEU D 325 -18.94 24.38 29.21
C LEU D 325 -20.01 25.06 28.37
N GLY D 326 -20.85 24.30 27.66
CA GLY D 326 -21.98 24.87 26.97
C GLY D 326 -21.72 25.39 25.57
N PHE D 327 -20.61 25.02 24.96
CA PHE D 327 -20.35 25.40 23.57
C PHE D 327 -21.02 24.40 22.64
N HIS D 328 -21.48 24.89 21.49
CA HIS D 328 -22.24 24.05 20.57
C HIS D 328 -21.39 23.34 19.54
N GLN D 329 -20.14 23.77 19.35
CA GLN D 329 -19.28 23.18 18.33
C GLN D 329 -18.81 21.80 18.76
N HIS D 330 -18.58 20.94 17.77
CA HIS D 330 -18.14 19.56 18.00
C HIS D 330 -16.80 19.33 17.31
N PRO D 331 -15.70 19.32 18.05
CA PRO D 331 -14.40 19.04 17.42
C PRO D 331 -14.35 17.66 16.78
N CYS D 332 -13.63 17.55 15.68
CA CYS D 332 -13.54 16.31 14.93
C CYS D 332 -12.09 15.90 14.76
N LEU D 333 -11.89 14.60 14.49
CA LEU D 333 -10.57 14.03 14.29
C LEU D 333 -10.55 13.31 12.94
N TYR D 334 -9.55 13.62 12.13
CA TYR D 334 -9.37 12.95 10.84
C TYR D 334 -7.94 12.43 10.74
N CYS D 335 -7.80 11.11 10.60
CA CYS D 335 -6.51 10.45 10.46
C CYS D 335 -6.71 8.97 10.21
N SER D 336 -5.62 8.24 9.99
CA SER D 336 -5.72 6.80 9.82
C SER D 336 -6.12 6.14 11.14
N ASP D 337 -6.62 4.90 11.04
CA ASP D 337 -6.92 4.13 12.24
C ASP D 337 -5.69 4.04 13.14
N GLN D 338 -4.51 3.86 12.55
CA GLN D 338 -3.29 3.75 13.33
C GLN D 338 -2.97 5.06 14.06
N ASN D 339 -3.08 6.19 13.36
CA ASN D 339 -2.74 7.47 13.98
C ASN D 339 -3.75 7.92 15.02
N ALA D 340 -4.99 7.40 14.96
CA ALA D 340 -5.95 7.71 16.02
C ALA D 340 -5.46 7.18 17.37
N ASP D 341 -4.76 6.05 17.37
CA ASP D 341 -4.19 5.46 18.57
C ASP D 341 -2.78 5.93 18.86
N ALA D 342 -2.18 6.73 17.98
CA ALA D 342 -0.83 7.19 18.21
C ALA D 342 -0.83 8.35 19.21
N THR D 343 0.32 8.55 19.85
CA THR D 343 0.44 9.59 20.86
C THR D 343 0.39 10.97 20.22
N PHE D 344 -0.35 11.87 20.85
CA PHE D 344 -0.43 13.25 20.38
C PHE D 344 0.96 13.86 20.36
N LEU D 345 1.39 14.29 19.17
CA LEU D 345 2.69 14.90 18.93
C LEU D 345 3.86 14.03 19.41
N SER D 346 3.64 12.72 19.50
CA SER D 346 4.67 11.76 19.90
C SER D 346 5.39 12.23 21.17
N GLN D 347 4.59 12.60 22.17
CA GLN D 347 5.07 13.09 23.46
C GLN D 347 6.05 12.14 24.14
N NO3 E . 11.45 -32.11 -1.83
O1 NO3 E . 12.51 -31.64 -1.33
O2 NO3 E . 10.37 -31.45 -1.76
O3 NO3 E . 11.46 -33.23 -2.40
N NO3 F . 25.60 20.48 -18.97
O1 NO3 F . 25.00 20.56 -20.08
O2 NO3 F . 26.86 20.33 -18.95
O3 NO3 F . 24.96 20.54 -17.89
N NO3 G . 41.96 15.48 -16.68
O1 NO3 G . 42.16 15.48 -15.43
O2 NO3 G . 41.34 16.44 -17.22
O3 NO3 G . 42.41 14.54 -17.41
#